data_1DIE
#
_entry.id   1DIE
#
_cell.length_a   105.600
_cell.length_b   105.600
_cell.length_c   153.400
_cell.angle_alpha   90.00
_cell.angle_beta   90.00
_cell.angle_gamma   120.00
#
_symmetry.space_group_name_H-M   'P 31 2 1'
#
loop_
_entity.id
_entity.type
_entity.pdbx_description
1 polymer 'D-XYLOSE ISOMERASE'
2 non-polymer 'MAGNESIUM ION'
3 non-polymer 1-DEOXYNOJIRIMYCIN
4 water water
#
_entity_poly.entity_id   1
_entity_poly.type   'polypeptide(L)'
_entity_poly.pdbx_seq_one_letter_code
;SVQPTPADHFTFGLWTVGWTGADPFGVATRKNLDPVEAVHKLAELGAYGITFHDNDLIPFDATEAEREKILGDFNQALKD
TGLKVPMVTTNLFSHPVFKDGGFTSNDRSIRRFALAKVLHNIDLAAEMGAETFVMWGGREGSEYDGSKDLAAALDRMREG
VDTAAGYIKDKGYNLRIALEPKPNEPRGDIFLPTVGHGLAFIEQLEHGDIVGLNPETGHEQMAGLNFTHGIAQALWAEKL
FHIDLNGQRGIKYDQDLVFGHGDLTSAFFTVDLLENGFPNGGPKYTGPRHFDYKPSRTDGYDGVWDSAKANMSMYLLLKE
RALAFRADPEVQEAMKTSGVFELGETTLNAGESAADLMNDSASFAGFDAEAAAERNFAFIRLNQLAIEHLLGSR
;
_entity_poly.pdbx_strand_id   A,B
#
# COMPACT_ATOMS: atom_id res chain seq x y z
N VAL A 2 -14.72 -9.42 20.32
CA VAL A 2 -15.01 -8.30 19.38
C VAL A 2 -16.38 -8.51 18.77
N GLN A 3 -17.39 -8.01 19.48
CA GLN A 3 -18.79 -8.16 19.05
C GLN A 3 -19.40 -6.75 18.91
N PRO A 4 -19.87 -6.45 17.70
CA PRO A 4 -20.43 -5.13 17.42
C PRO A 4 -21.82 -5.04 18.04
N THR A 5 -22.22 -3.84 18.23
CA THR A 5 -23.55 -3.52 18.76
C THR A 5 -24.04 -2.26 18.05
N PRO A 6 -25.33 -2.15 17.85
CA PRO A 6 -25.97 -1.00 17.19
C PRO A 6 -25.32 0.29 17.57
N ALA A 7 -24.86 0.38 18.79
CA ALA A 7 -24.19 1.52 19.43
C ALA A 7 -22.88 1.96 18.79
N ASP A 8 -22.33 1.07 18.02
CA ASP A 8 -21.18 1.10 17.18
C ASP A 8 -21.49 1.82 15.86
N HIS A 9 -22.70 1.85 15.42
CA HIS A 9 -23.13 2.49 14.20
C HIS A 9 -22.51 2.00 12.88
N PHE A 10 -22.42 0.69 12.77
CA PHE A 10 -21.91 0.04 11.53
C PHE A 10 -23.10 0.08 10.56
N THR A 11 -22.93 0.67 9.42
CA THR A 11 -23.96 0.74 8.40
C THR A 11 -23.32 0.01 7.21
N PHE A 12 -24.14 -0.54 6.32
CA PHE A 12 -23.73 -1.31 5.16
C PHE A 12 -24.68 -0.91 4.01
N GLY A 13 -24.11 -0.90 2.83
CA GLY A 13 -24.88 -0.57 1.63
C GLY A 13 -25.49 -1.90 1.15
N LEU A 14 -26.71 -1.79 0.69
CA LEU A 14 -27.45 -2.92 0.15
C LEU A 14 -26.77 -3.53 -1.07
N TRP A 15 -26.12 -2.62 -1.82
CA TRP A 15 -25.38 -3.05 -3.04
C TRP A 15 -24.08 -3.80 -2.72
N THR A 16 -23.67 -3.65 -1.45
CA THR A 16 -22.41 -4.31 -1.00
C THR A 16 -22.60 -5.80 -0.84
N VAL A 17 -23.30 -6.26 0.17
CA VAL A 17 -23.55 -7.72 0.34
C VAL A 17 -24.36 -8.27 -0.82
N GLY A 18 -25.10 -7.37 -1.49
CA GLY A 18 -25.89 -7.78 -2.67
C GLY A 18 -25.12 -7.79 -3.97
N TRP A 19 -23.85 -7.44 -4.02
CA TRP A 19 -23.05 -7.43 -5.24
C TRP A 19 -22.99 -8.88 -5.70
N THR A 20 -23.51 -9.22 -6.85
CA THR A 20 -23.57 -10.62 -7.30
C THR A 20 -22.38 -11.10 -8.05
N GLY A 21 -21.40 -10.24 -8.22
CA GLY A 21 -20.16 -10.66 -8.85
C GLY A 21 -19.72 -10.44 -10.26
N ALA A 22 -20.56 -9.71 -10.97
CA ALA A 22 -20.20 -9.39 -12.38
C ALA A 22 -19.18 -8.23 -12.29
N ASP A 23 -18.13 -8.40 -13.04
CA ASP A 23 -17.02 -7.41 -13.14
C ASP A 23 -16.92 -7.20 -14.64
N PRO A 24 -15.98 -6.42 -15.12
CA PRO A 24 -15.80 -6.19 -16.57
C PRO A 24 -15.36 -7.41 -17.35
N PHE A 25 -14.89 -8.51 -16.76
CA PHE A 25 -14.49 -9.70 -17.54
C PHE A 25 -15.36 -10.87 -17.25
N GLY A 26 -16.45 -10.76 -16.50
CA GLY A 26 -17.28 -11.94 -16.20
C GLY A 26 -18.61 -11.65 -15.58
N VAL A 27 -19.43 -12.73 -15.59
CA VAL A 27 -20.84 -12.62 -15.07
C VAL A 27 -20.90 -12.88 -13.59
N ALA A 28 -22.08 -12.68 -13.05
CA ALA A 28 -22.30 -12.93 -11.64
C ALA A 28 -22.03 -14.35 -11.23
N THR A 29 -21.50 -14.51 -10.04
CA THR A 29 -21.22 -15.83 -9.47
C THR A 29 -22.23 -16.14 -8.36
N ARG A 30 -23.04 -15.15 -7.96
CA ARG A 30 -24.01 -15.22 -6.90
C ARG A 30 -25.42 -14.81 -7.36
N LYS A 31 -26.42 -15.49 -6.79
CA LYS A 31 -27.81 -15.20 -7.12
C LYS A 31 -28.13 -13.83 -6.45
N ASN A 32 -29.13 -13.17 -6.90
CA ASN A 32 -29.55 -11.90 -6.39
C ASN A 32 -29.95 -12.06 -4.93
N LEU A 33 -29.75 -11.01 -4.18
CA LEU A 33 -30.08 -10.98 -2.80
C LEU A 33 -31.41 -10.22 -2.62
N ASP A 34 -32.34 -10.82 -1.92
CA ASP A 34 -33.66 -10.25 -1.60
C ASP A 34 -33.31 -9.22 -0.51
N PRO A 35 -33.85 -8.05 -0.71
CA PRO A 35 -33.61 -6.95 0.25
C PRO A 35 -34.09 -7.24 1.64
N VAL A 36 -35.16 -8.01 1.78
CA VAL A 36 -35.72 -8.37 3.08
C VAL A 36 -34.69 -9.27 3.81
N GLU A 37 -34.11 -10.21 3.09
CA GLU A 37 -33.11 -11.08 3.73
C GLU A 37 -31.89 -10.29 4.21
N ALA A 38 -31.36 -9.38 3.39
CA ALA A 38 -30.22 -8.56 3.71
C ALA A 38 -30.54 -7.80 5.00
N VAL A 39 -31.72 -7.19 5.06
CA VAL A 39 -32.11 -6.43 6.28
C VAL A 39 -31.94 -7.32 7.51
N HIS A 40 -32.52 -8.49 7.54
CA HIS A 40 -32.54 -9.48 8.61
C HIS A 40 -31.13 -10.06 8.83
N LYS A 41 -30.39 -10.44 7.84
CA LYS A 41 -29.05 -10.90 8.16
C LYS A 41 -28.18 -9.84 8.82
N LEU A 42 -28.30 -8.60 8.36
CA LEU A 42 -27.48 -7.48 8.83
C LEU A 42 -27.86 -7.19 10.26
N ALA A 43 -29.14 -7.26 10.54
CA ALA A 43 -29.59 -7.07 11.97
C ALA A 43 -29.05 -8.26 12.77
N GLU A 44 -29.10 -9.52 12.38
CA GLU A 44 -28.48 -10.55 13.20
C GLU A 44 -26.97 -10.28 13.31
N LEU A 45 -26.22 -9.66 12.39
CA LEU A 45 -24.79 -9.46 12.57
C LEU A 45 -24.44 -8.34 13.49
N GLY A 46 -25.33 -7.45 13.75
CA GLY A 46 -25.03 -6.32 14.65
C GLY A 46 -25.00 -5.01 13.89
N ALA A 47 -25.39 -5.05 12.63
CA ALA A 47 -25.44 -3.78 11.88
C ALA A 47 -26.41 -2.87 12.60
N TYR A 48 -26.25 -1.57 12.52
CA TYR A 48 -27.02 -0.50 13.04
C TYR A 48 -27.94 -0.03 11.92
N GLY A 49 -27.54 -0.05 10.67
CA GLY A 49 -28.44 0.48 9.62
C GLY A 49 -27.99 -0.02 8.26
N ILE A 50 -28.84 0.40 7.32
CA ILE A 50 -28.65 0.04 5.91
C ILE A 50 -28.83 1.26 5.05
N THR A 51 -28.21 1.22 3.88
CA THR A 51 -28.28 2.34 2.93
C THR A 51 -28.50 1.70 1.58
N PHE A 52 -28.93 2.52 0.64
CA PHE A 52 -29.20 1.99 -0.70
C PHE A 52 -29.26 3.15 -1.69
N HIS A 53 -29.22 2.71 -2.94
CA HIS A 53 -29.40 3.56 -4.09
C HIS A 53 -30.89 3.28 -4.48
N ASP A 54 -31.59 4.29 -4.94
CA ASP A 54 -32.97 4.09 -5.38
C ASP A 54 -33.17 2.81 -6.16
N ASN A 55 -32.33 2.51 -7.18
CA ASN A 55 -32.49 1.32 -8.01
C ASN A 55 -31.96 0.02 -7.44
N ASP A 56 -31.36 0.00 -6.26
CA ASP A 56 -30.91 -1.17 -5.51
C ASP A 56 -32.20 -1.92 -5.02
N LEU A 57 -33.18 -1.20 -4.65
CA LEU A 57 -34.48 -1.49 -4.17
C LEU A 57 -35.54 -1.36 -5.25
N ILE A 58 -35.67 -0.21 -5.87
CA ILE A 58 -36.74 -0.04 -6.88
C ILE A 58 -36.22 -0.05 -8.27
N PRO A 59 -36.61 -1.05 -9.03
CA PRO A 59 -36.14 -1.16 -10.41
C PRO A 59 -36.44 0.08 -11.18
N PHE A 60 -35.61 0.37 -12.15
CA PHE A 60 -35.74 1.56 -13.01
C PHE A 60 -37.13 1.54 -13.64
N ASP A 61 -37.48 0.34 -14.13
CA ASP A 61 -38.80 0.19 -14.78
C ASP A 61 -39.99 -0.16 -13.88
N ALA A 62 -39.84 -0.24 -12.60
CA ALA A 62 -40.86 -0.62 -11.67
C ALA A 62 -42.17 0.10 -11.95
N THR A 63 -43.32 -0.59 -11.87
CA THR A 63 -44.61 0.11 -12.00
C THR A 63 -44.96 0.74 -10.65
N GLU A 64 -46.02 1.50 -10.50
CA GLU A 64 -46.32 2.13 -9.23
C GLU A 64 -46.68 1.05 -8.23
N ALA A 65 -47.51 0.13 -8.64
CA ALA A 65 -47.95 -0.99 -7.78
C ALA A 65 -46.68 -1.70 -7.33
N GLU A 66 -45.77 -2.07 -8.14
CA GLU A 66 -44.49 -2.72 -7.67
C GLU A 66 -43.75 -1.85 -6.67
N ARG A 67 -43.69 -0.55 -6.87
CA ARG A 67 -42.98 0.35 -5.99
C ARG A 67 -43.55 0.30 -4.59
N GLU A 68 -44.87 0.36 -4.52
CA GLU A 68 -45.53 0.36 -3.15
C GLU A 68 -45.28 -0.92 -2.37
N LYS A 69 -45.21 -2.04 -3.09
CA LYS A 69 -45.03 -3.38 -2.55
C LYS A 69 -43.63 -3.53 -2.00
N ILE A 70 -42.66 -3.28 -2.90
CA ILE A 70 -41.24 -3.33 -2.53
C ILE A 70 -41.04 -2.49 -1.29
N LEU A 71 -41.54 -1.30 -1.22
CA LEU A 71 -41.41 -0.42 -0.02
C LEU A 71 -42.16 -0.96 1.17
N GLY A 72 -43.26 -1.67 0.99
CA GLY A 72 -43.99 -2.29 2.08
C GLY A 72 -43.13 -3.39 2.69
N ASP A 73 -42.62 -4.24 1.83
CA ASP A 73 -41.71 -5.33 2.26
C ASP A 73 -40.52 -4.70 2.99
N PHE A 74 -39.88 -3.73 2.33
CA PHE A 74 -38.69 -3.10 2.96
C PHE A 74 -39.02 -2.42 4.28
N ASN A 75 -39.99 -1.54 4.38
CA ASN A 75 -40.26 -0.95 5.70
C ASN A 75 -40.64 -1.97 6.75
N GLN A 76 -41.29 -3.07 6.33
CA GLN A 76 -41.70 -4.15 7.20
C GLN A 76 -40.43 -4.74 7.86
N ALA A 77 -39.44 -5.07 7.02
CA ALA A 77 -38.16 -5.59 7.52
C ALA A 77 -37.49 -4.63 8.51
N LEU A 78 -37.48 -3.34 8.22
CA LEU A 78 -36.87 -2.36 9.06
C LEU A 78 -37.56 -2.26 10.43
N LYS A 79 -38.89 -2.38 10.29
CA LYS A 79 -39.81 -2.25 11.44
C LYS A 79 -39.49 -3.40 12.38
N ASP A 80 -39.53 -4.55 11.73
CA ASP A 80 -39.30 -5.79 12.46
C ASP A 80 -37.94 -5.89 13.12
N THR A 81 -36.90 -5.37 12.52
CA THR A 81 -35.55 -5.58 13.03
C THR A 81 -34.98 -4.36 13.70
N GLY A 82 -35.54 -3.21 13.52
CA GLY A 82 -34.98 -2.05 14.13
C GLY A 82 -33.93 -1.32 13.33
N LEU A 83 -33.48 -1.85 12.18
CA LEU A 83 -32.43 -1.04 11.48
C LEU A 83 -32.96 0.31 11.02
N LYS A 84 -32.03 1.24 11.07
CA LYS A 84 -32.11 2.62 10.61
C LYS A 84 -31.68 2.60 9.12
N VAL A 85 -31.87 3.72 8.45
CA VAL A 85 -31.55 4.11 7.09
C VAL A 85 -30.95 5.53 7.21
N PRO A 86 -29.67 5.56 7.52
CA PRO A 86 -28.94 6.80 7.74
C PRO A 86 -28.62 7.53 6.49
N MET A 87 -28.43 6.82 5.37
CA MET A 87 -28.06 7.42 4.07
C MET A 87 -28.81 6.72 2.94
N VAL A 88 -29.13 7.51 1.92
CA VAL A 88 -29.79 7.13 0.70
C VAL A 88 -29.00 7.90 -0.40
N THR A 89 -28.91 7.23 -1.52
CA THR A 89 -28.18 7.81 -2.69
C THR A 89 -28.90 7.47 -3.96
N THR A 90 -28.49 8.03 -5.08
CA THR A 90 -29.13 7.87 -6.37
C THR A 90 -28.22 7.20 -7.37
N ASN A 91 -28.84 6.43 -8.20
CA ASN A 91 -28.05 5.74 -9.22
C ASN A 91 -28.17 6.59 -10.51
N LEU A 92 -27.14 7.34 -10.76
CA LEU A 92 -26.99 8.13 -11.96
C LEU A 92 -25.83 7.47 -12.76
N PHE A 93 -25.78 6.14 -12.76
CA PHE A 93 -24.67 5.57 -13.50
C PHE A 93 -24.98 4.27 -14.17
N SER A 94 -25.92 3.39 -13.86
CA SER A 94 -25.97 2.14 -14.62
C SER A 94 -26.76 2.14 -15.90
N HIS A 95 -27.79 2.91 -15.97
CA HIS A 95 -28.59 2.94 -17.23
C HIS A 95 -27.76 3.61 -18.31
N PRO A 96 -27.84 3.14 -19.54
CA PRO A 96 -27.12 3.70 -20.69
C PRO A 96 -27.37 5.17 -20.85
N VAL A 97 -28.52 5.67 -20.46
CA VAL A 97 -28.86 7.09 -20.59
C VAL A 97 -27.74 7.94 -19.93
N PHE A 98 -27.19 7.43 -18.86
CA PHE A 98 -26.13 8.13 -18.13
C PHE A 98 -24.72 7.85 -18.65
N LYS A 99 -24.56 7.31 -19.84
CA LYS A 99 -23.20 7.05 -20.37
C LYS A 99 -22.25 8.26 -20.36
N ASP A 100 -22.78 9.51 -20.31
CA ASP A 100 -21.94 10.71 -20.30
C ASP A 100 -22.13 11.50 -19.02
N GLY A 101 -22.77 10.83 -18.04
CA GLY A 101 -23.00 11.58 -16.73
C GLY A 101 -24.51 11.85 -16.67
N GLY A 102 -24.82 12.33 -15.48
CA GLY A 102 -26.20 12.69 -15.16
C GLY A 102 -26.17 14.24 -15.18
N PHE A 103 -25.76 14.83 -14.07
CA PHE A 103 -25.67 16.27 -13.90
C PHE A 103 -24.81 17.00 -14.97
N THR A 104 -23.71 16.33 -15.36
CA THR A 104 -22.87 16.97 -16.33
C THR A 104 -22.83 16.32 -17.69
N SER A 105 -23.85 15.62 -18.10
CA SER A 105 -24.03 15.07 -19.42
C SER A 105 -24.09 16.36 -20.31
N ASN A 106 -23.63 16.26 -21.53
CA ASN A 106 -23.56 17.21 -22.59
C ASN A 106 -24.96 17.44 -23.16
N ASP A 107 -25.81 16.43 -23.01
CA ASP A 107 -27.23 16.44 -23.44
C ASP A 107 -28.05 17.02 -22.28
N ARG A 108 -28.68 18.15 -22.64
CA ARG A 108 -29.55 18.88 -21.74
C ARG A 108 -30.73 18.06 -21.24
N SER A 109 -31.28 17.23 -22.13
CA SER A 109 -32.49 16.44 -21.77
C SER A 109 -32.05 15.50 -20.64
N ILE A 110 -30.92 14.83 -20.83
CA ILE A 110 -30.40 13.97 -19.76
C ILE A 110 -30.14 14.73 -18.47
N ARG A 111 -29.41 15.84 -18.54
CA ARG A 111 -29.14 16.59 -17.28
C ARG A 111 -30.39 16.78 -16.45
N ARG A 112 -31.46 16.99 -17.19
CA ARG A 112 -32.83 17.29 -16.69
C ARG A 112 -33.45 16.07 -16.02
N PHE A 113 -33.38 14.98 -16.74
CA PHE A 113 -33.91 13.74 -16.12
C PHE A 113 -33.06 13.41 -14.88
N ALA A 114 -31.74 13.53 -14.93
CA ALA A 114 -30.89 13.22 -13.80
C ALA A 114 -31.28 14.00 -12.59
N LEU A 115 -31.50 15.27 -12.78
CA LEU A 115 -31.90 16.17 -11.61
C LEU A 115 -33.28 15.81 -11.09
N ALA A 116 -34.19 15.42 -11.93
CA ALA A 116 -35.57 15.04 -11.55
C ALA A 116 -35.50 13.77 -10.70
N LYS A 117 -34.79 12.80 -11.22
CA LYS A 117 -34.55 11.50 -10.55
C LYS A 117 -33.97 11.75 -9.15
N VAL A 118 -33.08 12.72 -9.01
CA VAL A 118 -32.44 13.10 -7.76
C VAL A 118 -33.48 13.75 -6.85
N LEU A 119 -34.24 14.75 -7.33
CA LEU A 119 -35.28 15.44 -6.49
C LEU A 119 -36.27 14.41 -5.93
N HIS A 120 -36.77 13.49 -6.78
CA HIS A 120 -37.67 12.45 -6.32
C HIS A 120 -37.01 11.64 -5.22
N ASN A 121 -35.76 11.23 -5.35
CA ASN A 121 -35.02 10.45 -4.37
C ASN A 121 -34.85 11.14 -3.02
N ILE A 122 -34.88 12.44 -2.95
CA ILE A 122 -34.77 13.29 -1.76
C ILE A 122 -36.06 13.16 -0.96
N ASP A 123 -37.19 13.09 -1.67
CA ASP A 123 -38.51 12.87 -0.99
C ASP A 123 -38.38 11.51 -0.29
N LEU A 124 -37.99 10.53 -1.09
CA LEU A 124 -37.77 9.15 -0.55
C LEU A 124 -36.77 9.24 0.59
N ALA A 125 -35.58 9.74 0.38
CA ALA A 125 -34.60 9.82 1.51
C ALA A 125 -35.26 10.38 2.76
N ALA A 126 -36.05 11.39 2.53
CA ALA A 126 -36.78 12.09 3.61
C ALA A 126 -37.77 11.12 4.20
N GLU A 127 -38.62 10.44 3.49
CA GLU A 127 -39.55 9.49 4.09
C GLU A 127 -38.81 8.41 4.94
N MET A 128 -37.74 7.79 4.53
CA MET A 128 -36.97 6.78 5.16
C MET A 128 -36.26 7.16 6.45
N GLY A 129 -36.29 8.46 6.73
CA GLY A 129 -35.62 9.04 7.90
C GLY A 129 -34.13 9.15 7.74
N ALA A 130 -33.55 9.20 6.56
CA ALA A 130 -32.10 9.33 6.31
C ALA A 130 -31.70 10.75 6.73
N GLU A 131 -30.51 10.94 7.25
CA GLU A 131 -29.92 12.20 7.67
C GLU A 131 -28.98 12.71 6.55
N THR A 132 -28.37 11.77 5.78
CA THR A 132 -27.47 12.03 4.69
C THR A 132 -27.91 11.52 3.31
N PHE A 133 -27.70 12.43 2.36
CA PHE A 133 -27.95 12.34 0.95
C PHE A 133 -26.57 12.39 0.23
N VAL A 134 -26.22 11.26 -0.35
CA VAL A 134 -24.94 11.08 -1.02
C VAL A 134 -25.10 11.23 -2.51
N MET A 135 -24.13 12.00 -3.03
CA MET A 135 -23.93 12.19 -4.48
C MET A 135 -22.58 11.63 -4.89
N TRP A 136 -22.58 10.59 -5.71
CA TRP A 136 -21.35 9.98 -6.29
C TRP A 136 -21.45 10.22 -7.84
N GLY A 137 -20.70 11.18 -8.38
CA GLY A 137 -20.72 11.55 -9.78
C GLY A 137 -19.76 10.71 -10.64
N GLY A 138 -19.99 9.40 -10.63
CA GLY A 138 -19.29 8.36 -11.29
C GLY A 138 -19.22 8.45 -12.79
N ARG A 139 -20.22 9.06 -13.42
CA ARG A 139 -20.15 9.11 -14.90
C ARG A 139 -19.83 10.55 -15.32
N GLU A 140 -19.62 11.46 -14.43
CA GLU A 140 -19.23 12.83 -14.63
C GLU A 140 -17.75 12.96 -14.95
N GLY A 141 -17.41 13.10 -16.24
CA GLY A 141 -15.98 13.16 -16.56
C GLY A 141 -15.76 12.87 -18.03
N SER A 142 -14.61 12.31 -18.41
CA SER A 142 -14.35 12.06 -19.83
C SER A 142 -13.23 11.08 -20.05
N GLU A 143 -13.02 10.58 -21.22
CA GLU A 143 -11.89 9.68 -21.58
C GLU A 143 -10.89 10.48 -22.38
N TYR A 144 -11.32 11.63 -22.95
CA TYR A 144 -10.53 12.49 -23.84
C TYR A 144 -10.58 13.93 -23.42
N ASP A 145 -9.52 14.70 -23.54
CA ASP A 145 -9.66 16.10 -23.03
C ASP A 145 -10.50 16.99 -23.91
N GLY A 146 -10.90 16.72 -25.12
CA GLY A 146 -11.73 17.74 -25.78
C GLY A 146 -13.22 17.46 -25.64
N SER A 147 -13.57 16.38 -24.97
CA SER A 147 -15.01 16.04 -24.82
C SER A 147 -15.90 17.01 -24.09
N LYS A 148 -15.26 17.83 -23.26
CA LYS A 148 -15.91 18.74 -22.39
C LYS A 148 -15.36 20.12 -22.22
N ASP A 149 -16.32 21.01 -21.99
CA ASP A 149 -15.88 22.39 -21.66
C ASP A 149 -15.86 22.21 -20.12
N LEU A 150 -14.70 22.20 -19.52
CA LEU A 150 -14.55 21.98 -18.08
C LEU A 150 -15.11 23.08 -17.24
N ALA A 151 -15.23 24.33 -17.70
CA ALA A 151 -15.79 25.37 -16.83
C ALA A 151 -17.30 25.14 -16.87
N ALA A 152 -17.84 24.78 -18.03
CA ALA A 152 -19.26 24.49 -18.21
C ALA A 152 -19.65 23.22 -17.44
N ALA A 153 -18.79 22.18 -17.37
CA ALA A 153 -19.05 20.98 -16.59
C ALA A 153 -19.19 21.39 -15.13
N LEU A 154 -18.38 22.28 -14.59
CA LEU A 154 -18.53 22.63 -13.15
C LEU A 154 -19.71 23.52 -12.86
N ASP A 155 -20.17 24.30 -13.85
CA ASP A 155 -21.34 25.18 -13.69
C ASP A 155 -22.56 24.25 -13.59
N ARG A 156 -22.62 23.30 -14.52
CA ARG A 156 -23.63 22.25 -14.59
C ARG A 156 -23.65 21.48 -13.26
N MET A 157 -22.52 21.03 -12.78
CA MET A 157 -22.45 20.34 -11.47
C MET A 157 -23.08 21.22 -10.39
N ARG A 158 -22.70 22.48 -10.31
CA ARG A 158 -23.19 23.42 -9.31
C ARG A 158 -24.72 23.59 -9.41
N GLU A 159 -25.23 23.69 -10.60
CA GLU A 159 -26.64 23.91 -10.83
C GLU A 159 -27.41 22.77 -10.20
N GLY A 160 -27.00 21.55 -10.53
CA GLY A 160 -27.61 20.31 -10.02
C GLY A 160 -27.49 20.31 -8.50
N VAL A 161 -26.33 20.36 -7.89
CA VAL A 161 -26.20 20.36 -6.43
C VAL A 161 -26.90 21.45 -5.73
N ASP A 162 -26.89 22.69 -6.20
CA ASP A 162 -27.55 23.84 -5.53
C ASP A 162 -29.05 23.66 -5.68
N THR A 163 -29.51 23.10 -6.78
CA THR A 163 -30.95 22.83 -6.96
C THR A 163 -31.52 21.78 -5.98
N ALA A 164 -30.75 20.75 -5.68
CA ALA A 164 -31.08 19.67 -4.79
C ALA A 164 -31.14 20.20 -3.37
N ALA A 165 -30.18 21.06 -3.05
CA ALA A 165 -29.99 21.67 -1.73
C ALA A 165 -31.03 22.74 -1.42
N GLY A 166 -31.36 23.47 -2.48
CA GLY A 166 -32.37 24.55 -2.41
C GLY A 166 -33.70 23.90 -2.01
N TYR A 167 -34.01 22.83 -2.66
CA TYR A 167 -35.18 21.99 -2.47
C TYR A 167 -35.11 21.42 -1.07
N ILE A 168 -34.02 20.86 -0.58
CA ILE A 168 -34.02 20.38 0.86
C ILE A 168 -34.48 21.51 1.76
N LYS A 169 -33.85 22.65 1.67
CA LYS A 169 -34.21 23.85 2.45
C LYS A 169 -35.70 24.16 2.28
N ASP A 170 -36.21 24.31 1.07
CA ASP A 170 -37.62 24.57 0.80
C ASP A 170 -38.50 23.50 1.47
N LYS A 171 -38.21 22.23 1.35
CA LYS A 171 -39.09 21.24 1.94
C LYS A 171 -38.88 21.11 3.44
N GLY A 172 -37.89 21.73 4.02
CA GLY A 172 -37.68 21.60 5.47
C GLY A 172 -37.19 20.23 5.93
N TYR A 173 -36.68 19.42 5.01
CA TYR A 173 -36.15 18.09 5.35
C TYR A 173 -34.87 18.21 6.18
N ASN A 174 -34.59 17.23 7.03
CA ASN A 174 -33.34 17.29 7.84
C ASN A 174 -32.29 16.41 7.14
N LEU A 175 -31.78 16.90 5.98
CA LEU A 175 -30.84 16.27 5.14
C LEU A 175 -29.68 17.22 4.76
N ARG A 176 -28.58 16.50 4.76
CA ARG A 176 -27.29 17.02 4.34
C ARG A 176 -26.85 16.18 3.13
N ILE A 177 -26.26 16.88 2.17
CA ILE A 177 -25.73 16.33 0.93
C ILE A 177 -24.25 16.02 1.17
N ALA A 178 -23.82 14.83 0.78
CA ALA A 178 -22.41 14.46 0.96
C ALA A 178 -21.88 14.12 -0.43
N LEU A 179 -20.85 14.85 -0.86
CA LEU A 179 -20.27 14.56 -2.19
C LEU A 179 -19.19 13.45 -2.00
N GLU A 180 -19.13 12.51 -2.93
CA GLU A 180 -18.17 11.41 -2.85
C GLU A 180 -17.23 11.44 -4.08
N PRO A 181 -15.99 11.88 -3.82
CA PRO A 181 -14.98 12.01 -4.87
C PRO A 181 -14.47 10.63 -5.28
N LYS A 182 -14.08 10.59 -6.54
CA LYS A 182 -13.47 9.38 -7.16
C LYS A 182 -12.64 9.94 -8.36
N PRO A 183 -11.36 9.58 -8.41
CA PRO A 183 -10.41 10.06 -9.44
C PRO A 183 -10.63 9.56 -10.84
N ASN A 184 -11.05 8.35 -11.00
CA ASN A 184 -11.35 7.60 -12.20
C ASN A 184 -12.20 6.36 -11.91
N GLU A 185 -12.66 5.71 -12.94
CA GLU A 185 -13.45 4.46 -13.03
C GLU A 185 -14.85 4.62 -12.54
N PRO A 186 -15.89 4.51 -13.38
CA PRO A 186 -15.84 4.15 -14.79
C PRO A 186 -15.37 5.12 -15.86
N ARG A 187 -15.11 6.36 -15.63
CA ARG A 187 -14.63 7.30 -16.66
C ARG A 187 -13.10 7.29 -16.54
N GLY A 188 -12.45 7.72 -17.60
CA GLY A 188 -10.99 7.82 -17.61
C GLY A 188 -10.57 8.87 -16.58
N ASP A 189 -11.31 9.94 -16.44
CA ASP A 189 -10.99 11.04 -15.53
C ASP A 189 -12.30 11.44 -14.87
N ILE A 190 -12.44 11.54 -13.58
CA ILE A 190 -13.74 11.94 -13.01
C ILE A 190 -13.67 13.39 -12.45
N PHE A 191 -14.73 14.17 -12.61
CA PHE A 191 -14.64 15.53 -12.03
C PHE A 191 -14.70 15.41 -10.51
N LEU A 192 -14.06 16.30 -9.81
CA LEU A 192 -13.98 16.32 -8.32
C LEU A 192 -13.35 15.00 -7.89
N PRO A 193 -12.13 14.80 -8.35
CA PRO A 193 -11.41 13.55 -8.16
C PRO A 193 -10.90 13.13 -6.81
N THR A 194 -10.74 14.04 -5.92
CA THR A 194 -10.26 13.88 -4.55
C THR A 194 -11.06 14.73 -3.55
N VAL A 195 -10.75 14.43 -2.30
CA VAL A 195 -11.33 15.15 -1.14
C VAL A 195 -11.02 16.61 -1.42
N GLY A 196 -9.78 16.93 -1.77
CA GLY A 196 -9.45 18.37 -1.97
C GLY A 196 -10.38 19.01 -2.96
N HIS A 197 -10.58 18.45 -4.13
CA HIS A 197 -11.44 19.02 -5.19
C HIS A 197 -12.88 19.07 -4.69
N GLY A 198 -13.27 18.09 -3.87
CA GLY A 198 -14.61 18.12 -3.32
C GLY A 198 -14.86 19.36 -2.42
N LEU A 199 -13.91 19.59 -1.50
CA LEU A 199 -14.02 20.74 -0.57
C LEU A 199 -14.00 22.06 -1.28
N ALA A 200 -13.18 22.23 -2.26
CA ALA A 200 -13.00 23.40 -3.11
C ALA A 200 -14.31 23.88 -3.76
N PHE A 201 -14.93 22.94 -4.42
CA PHE A 201 -16.21 23.12 -5.16
C PHE A 201 -17.28 23.56 -4.19
N ILE A 202 -17.40 22.83 -3.07
CA ILE A 202 -18.38 23.11 -2.08
C ILE A 202 -18.46 24.64 -1.83
N GLU A 203 -17.34 25.30 -1.75
CA GLU A 203 -17.17 26.71 -1.49
C GLU A 203 -17.63 27.63 -2.59
N GLN A 204 -18.08 27.11 -3.68
CA GLN A 204 -18.55 27.87 -4.86
C GLN A 204 -20.05 27.80 -4.97
N LEU A 205 -20.63 26.96 -4.16
CA LEU A 205 -22.04 26.68 -4.04
C LEU A 205 -22.85 27.76 -3.30
N GLU A 206 -24.05 28.02 -3.86
CA GLU A 206 -24.91 28.96 -3.14
C GLU A 206 -25.20 28.31 -1.79
N HIS A 207 -25.61 27.02 -1.79
CA HIS A 207 -25.99 26.32 -0.54
C HIS A 207 -24.99 25.34 -0.01
N GLY A 208 -23.75 25.70 0.05
CA GLY A 208 -22.65 24.86 0.44
C GLY A 208 -22.71 24.54 1.90
N ASP A 209 -23.53 25.27 2.57
CA ASP A 209 -23.66 25.10 4.07
C ASP A 209 -24.26 23.75 4.47
N ILE A 210 -25.02 23.13 3.59
CA ILE A 210 -25.63 21.85 3.86
C ILE A 210 -24.99 20.84 2.94
N VAL A 211 -23.83 21.18 2.43
CA VAL A 211 -23.10 20.28 1.52
C VAL A 211 -21.70 20.06 2.14
N GLY A 212 -21.35 18.78 2.15
CA GLY A 212 -20.11 18.22 2.68
C GLY A 212 -19.57 17.00 1.91
N LEU A 213 -18.65 16.31 2.56
CA LEU A 213 -18.01 15.13 1.90
C LEU A 213 -18.27 13.72 2.45
N ASN A 214 -18.12 12.71 1.60
CA ASN A 214 -18.25 11.28 1.83
C ASN A 214 -17.01 10.63 1.18
N PRO A 215 -15.88 10.78 1.87
CA PRO A 215 -14.59 10.24 1.36
C PRO A 215 -14.65 8.72 1.38
N GLU A 216 -14.01 8.02 0.51
CA GLU A 216 -14.00 6.57 0.55
C GLU A 216 -12.51 6.20 0.59
N THR A 217 -12.06 5.37 1.52
CA THR A 217 -10.69 4.95 1.65
C THR A 217 -9.99 4.61 0.33
N GLY A 218 -10.61 3.75 -0.42
CA GLY A 218 -10.08 3.22 -1.66
C GLY A 218 -9.92 4.25 -2.79
N HIS A 219 -10.89 5.13 -2.86
CA HIS A 219 -10.95 6.20 -3.85
C HIS A 219 -9.72 7.07 -3.66
N GLU A 220 -9.43 7.52 -2.47
CA GLU A 220 -8.23 8.29 -2.21
C GLU A 220 -7.00 7.48 -2.49
N GLN A 221 -6.91 6.21 -2.18
CA GLN A 221 -5.74 5.42 -2.42
C GLN A 221 -5.49 5.15 -3.88
N MET A 222 -6.44 5.26 -4.75
CA MET A 222 -6.39 5.13 -6.19
C MET A 222 -5.59 6.28 -6.88
N ALA A 223 -5.33 7.37 -6.22
CA ALA A 223 -4.55 8.53 -6.63
C ALA A 223 -3.22 8.60 -5.83
N GLY A 224 -3.00 7.59 -5.03
CA GLY A 224 -1.94 7.30 -4.11
C GLY A 224 -1.95 8.29 -2.97
N LEU A 225 -3.05 8.89 -2.52
CA LEU A 225 -3.07 9.87 -1.44
C LEU A 225 -3.22 9.19 -0.09
N ASN A 226 -2.94 9.94 0.98
CA ASN A 226 -3.02 9.39 2.34
C ASN A 226 -4.44 9.67 2.80
N PHE A 227 -5.19 8.57 2.90
CA PHE A 227 -6.61 8.72 3.32
C PHE A 227 -6.69 9.34 4.69
N THR A 228 -5.93 9.04 5.72
CA THR A 228 -6.01 9.75 7.01
C THR A 228 -5.83 11.26 6.87
N HIS A 229 -4.87 11.75 6.12
CA HIS A 229 -4.58 13.14 5.79
C HIS A 229 -5.77 13.77 5.08
N GLY A 230 -6.41 13.12 4.16
CA GLY A 230 -7.59 13.66 3.46
C GLY A 230 -8.75 13.87 4.39
N ILE A 231 -9.17 12.81 5.10
CA ILE A 231 -10.31 13.01 6.06
C ILE A 231 -9.94 14.04 7.10
N ALA A 232 -8.69 14.17 7.50
CA ALA A 232 -8.31 15.21 8.50
C ALA A 232 -8.56 16.60 7.91
N GLN A 233 -8.41 16.73 6.57
CA GLN A 233 -8.65 18.05 5.96
C GLN A 233 -10.17 18.26 5.99
N ALA A 234 -10.95 17.25 5.68
CA ALA A 234 -12.43 17.31 5.69
C ALA A 234 -12.83 17.65 7.12
N LEU A 235 -12.28 16.98 8.13
CA LEU A 235 -12.64 17.34 9.52
C LEU A 235 -12.36 18.82 9.91
N TRP A 236 -11.11 19.17 9.66
CA TRP A 236 -10.62 20.54 9.94
C TRP A 236 -11.57 21.56 9.34
N ALA A 237 -12.10 21.37 8.17
CA ALA A 237 -13.02 22.28 7.49
C ALA A 237 -14.48 22.05 7.90
N GLU A 238 -14.62 21.05 8.73
CA GLU A 238 -15.88 20.54 9.27
C GLU A 238 -16.81 20.16 8.15
N LYS A 239 -16.35 19.28 7.25
CA LYS A 239 -17.18 18.88 6.10
C LYS A 239 -17.18 17.38 5.96
N LEU A 240 -16.82 16.75 7.09
CA LEU A 240 -16.81 15.29 7.08
C LEU A 240 -18.21 14.80 7.53
N PHE A 241 -19.15 14.73 6.63
CA PHE A 241 -20.51 14.33 6.82
C PHE A 241 -20.81 12.84 6.79
N HIS A 242 -19.96 12.01 6.33
CA HIS A 242 -20.14 10.57 6.17
C HIS A 242 -18.79 10.04 5.72
N ILE A 243 -18.52 8.77 5.79
CA ILE A 243 -17.27 8.12 5.37
C ILE A 243 -17.71 6.75 4.89
N ASP A 244 -16.96 6.22 3.98
CA ASP A 244 -17.08 4.89 3.35
C ASP A 244 -15.72 4.16 3.65
N LEU A 245 -15.82 3.05 4.36
CA LEU A 245 -14.62 2.29 4.72
C LEU A 245 -14.51 1.02 3.90
N ASN A 246 -13.37 0.75 3.37
CA ASN A 246 -13.08 -0.48 2.56
C ASN A 246 -11.55 -0.56 2.49
N GLY A 247 -11.04 -1.43 1.68
CA GLY A 247 -9.60 -1.67 1.52
C GLY A 247 -9.26 -1.64 0.04
N GLN A 248 -8.05 -1.15 -0.18
CA GLN A 248 -7.46 -1.01 -1.54
C GLN A 248 -6.02 -1.42 -1.46
N ARG A 249 -5.62 -2.23 -2.45
CA ARG A 249 -4.17 -2.62 -2.42
C ARG A 249 -3.50 -1.96 -3.63
N GLY A 250 -3.24 -0.63 -3.60
CA GLY A 250 -2.60 0.10 -4.62
C GLY A 250 -3.39 0.90 -5.57
N ILE A 251 -2.66 1.48 -6.55
CA ILE A 251 -3.26 2.29 -7.63
C ILE A 251 -3.65 1.31 -8.74
N LYS A 252 -4.93 1.06 -8.89
CA LYS A 252 -5.52 0.15 -9.87
C LYS A 252 -7.01 0.33 -9.74
N TYR A 253 -7.75 -0.57 -10.34
CA TYR A 253 -9.24 -0.61 -10.33
C TYR A 253 -9.69 -0.59 -8.84
N ASP A 254 -10.89 -0.18 -8.57
CA ASP A 254 -11.52 -0.07 -7.25
C ASP A 254 -11.77 -1.50 -6.83
N GLN A 255 -11.05 -2.02 -5.89
CA GLN A 255 -11.07 -3.39 -5.35
C GLN A 255 -12.21 -3.56 -4.36
N ASP A 256 -12.41 -2.52 -3.53
CA ASP A 256 -13.51 -2.58 -2.57
C ASP A 256 -13.37 -3.83 -1.67
N LEU A 257 -12.18 -4.00 -1.14
CA LEU A 257 -11.94 -5.16 -0.26
C LEU A 257 -12.57 -4.74 1.08
N VAL A 258 -12.60 -5.73 1.99
CA VAL A 258 -13.14 -5.43 3.36
C VAL A 258 -12.35 -4.32 4.06
N PHE A 259 -12.89 -3.51 4.95
CA PHE A 259 -11.99 -2.54 5.63
C PHE A 259 -10.91 -3.33 6.40
N GLY A 260 -9.69 -2.89 6.27
CA GLY A 260 -8.46 -3.41 6.85
C GLY A 260 -7.80 -4.50 6.05
N HIS A 261 -8.40 -4.90 4.93
CA HIS A 261 -7.83 -5.93 4.05
C HIS A 261 -6.93 -5.32 2.95
N GLY A 262 -6.75 -4.02 2.99
CA GLY A 262 -5.87 -3.29 2.09
C GLY A 262 -4.63 -2.81 2.86
N ASP A 263 -4.48 -1.51 2.89
CA ASP A 263 -3.40 -0.83 3.62
C ASP A 263 -3.86 -0.75 5.10
N LEU A 264 -3.28 -1.62 5.90
CA LEU A 264 -3.46 -1.89 7.30
C LEU A 264 -2.92 -0.82 8.17
N THR A 265 -1.68 -0.41 8.06
CA THR A 265 -1.26 0.71 8.97
C THR A 265 -2.12 1.93 8.75
N SER A 266 -2.47 2.18 7.47
CA SER A 266 -3.30 3.34 7.13
C SER A 266 -4.68 3.17 7.81
N ALA A 267 -5.27 1.97 7.75
CA ALA A 267 -6.50 1.57 8.42
C ALA A 267 -6.39 1.87 9.93
N PHE A 268 -5.29 1.42 10.53
CA PHE A 268 -4.96 1.70 11.91
C PHE A 268 -5.06 3.20 12.22
N PHE A 269 -4.38 4.03 11.46
CA PHE A 269 -4.39 5.47 11.73
C PHE A 269 -5.71 6.08 11.38
N THR A 270 -6.52 5.55 10.50
CA THR A 270 -7.87 6.07 10.19
C THR A 270 -8.71 5.86 11.45
N VAL A 271 -8.64 4.61 11.96
CA VAL A 271 -9.37 4.30 13.23
C VAL A 271 -8.94 5.22 14.38
N ASP A 272 -7.66 5.44 14.56
CA ASP A 272 -7.11 6.31 15.61
C ASP A 272 -7.79 7.68 15.51
N LEU A 273 -7.84 8.20 14.30
CA LEU A 273 -8.46 9.48 13.98
C LEU A 273 -9.93 9.48 14.28
N LEU A 274 -10.76 8.56 13.86
CA LEU A 274 -12.21 8.52 14.10
C LEU A 274 -12.55 8.45 15.61
N GLU A 275 -11.85 7.51 16.22
CA GLU A 275 -12.00 7.23 17.66
C GLU A 275 -11.34 8.28 18.51
N ASN A 276 -10.06 8.31 18.59
CA ASN A 276 -9.29 9.21 19.40
C ASN A 276 -9.33 10.65 18.97
N GLY A 277 -9.66 11.04 17.81
CA GLY A 277 -9.58 12.46 17.39
C GLY A 277 -8.09 12.89 17.18
N PHE A 278 -7.91 14.21 17.24
CA PHE A 278 -6.63 14.89 17.06
C PHE A 278 -5.92 14.95 18.41
N PRO A 279 -4.65 14.65 18.46
CA PRO A 279 -3.88 14.73 19.68
C PRO A 279 -4.00 16.07 20.41
N ASN A 280 -4.24 17.22 19.86
CA ASN A 280 -4.35 18.48 20.49
C ASN A 280 -5.81 18.82 20.54
N GLY A 281 -6.72 17.96 20.11
CA GLY A 281 -8.14 18.32 20.21
C GLY A 281 -8.69 18.92 18.95
N GLY A 282 -9.96 19.02 18.73
CA GLY A 282 -10.54 19.56 17.49
C GLY A 282 -11.87 18.81 17.33
N PRO A 283 -12.44 18.89 16.16
CA PRO A 283 -13.72 18.23 15.86
C PRO A 283 -13.44 16.75 15.79
N LYS A 284 -14.39 15.92 16.05
CA LYS A 284 -14.34 14.45 16.04
C LYS A 284 -15.40 13.98 15.06
N TYR A 285 -15.28 12.82 14.42
CA TYR A 285 -16.34 12.37 13.50
C TYR A 285 -17.44 11.67 14.31
N THR A 286 -18.70 12.01 14.17
CA THR A 286 -19.71 11.24 14.94
C THR A 286 -20.75 10.50 14.11
N GLY A 287 -20.60 10.44 12.81
CA GLY A 287 -21.48 9.78 11.86
C GLY A 287 -21.29 8.27 11.83
N PRO A 288 -22.11 7.70 10.93
CA PRO A 288 -22.12 6.25 10.77
C PRO A 288 -20.74 5.89 10.19
N ARG A 289 -20.32 4.73 10.57
CA ARG A 289 -19.13 4.11 10.06
C ARG A 289 -19.69 3.18 8.94
N HIS A 290 -19.70 3.60 7.70
CA HIS A 290 -20.27 2.84 6.58
C HIS A 290 -19.25 2.03 5.82
N PHE A 291 -19.60 0.80 5.48
CA PHE A 291 -18.77 -0.09 4.71
C PHE A 291 -19.38 -0.28 3.31
N ASP A 292 -18.60 0.23 2.35
CA ASP A 292 -18.89 0.15 0.91
C ASP A 292 -17.76 -0.75 0.29
N TYR A 293 -18.00 -2.04 0.31
CA TYR A 293 -17.03 -3.03 -0.18
C TYR A 293 -17.83 -4.00 -1.03
N LYS A 294 -17.18 -4.98 -1.56
CA LYS A 294 -17.74 -6.06 -2.32
C LYS A 294 -17.11 -7.40 -1.88
N PRO A 295 -17.97 -8.33 -1.49
CA PRO A 295 -17.49 -9.67 -1.09
C PRO A 295 -16.81 -10.25 -2.33
N SER A 296 -15.59 -10.66 -2.30
CA SER A 296 -14.93 -11.21 -3.48
C SER A 296 -15.81 -12.18 -4.23
N ARG A 297 -15.83 -12.12 -5.56
CA ARG A 297 -16.64 -13.02 -6.40
C ARG A 297 -16.32 -14.49 -6.32
N THR A 298 -15.19 -14.86 -5.78
CA THR A 298 -14.70 -16.23 -5.59
C THR A 298 -15.49 -16.94 -4.48
N ASP A 299 -16.06 -16.25 -3.51
CA ASP A 299 -16.81 -16.69 -2.36
C ASP A 299 -18.33 -16.76 -2.58
N GLY A 300 -18.89 -17.79 -1.97
CA GLY A 300 -20.36 -18.05 -2.05
C GLY A 300 -20.93 -17.26 -0.91
N TYR A 301 -22.21 -17.41 -0.65
CA TYR A 301 -22.94 -16.64 0.36
C TYR A 301 -22.46 -16.78 1.78
N ASP A 302 -21.83 -17.88 2.10
CA ASP A 302 -21.28 -17.97 3.48
C ASP A 302 -20.19 -16.89 3.59
N GLY A 303 -19.41 -16.82 2.52
CA GLY A 303 -18.33 -15.83 2.41
C GLY A 303 -18.89 -14.41 2.52
N VAL A 304 -20.02 -14.25 1.87
CA VAL A 304 -20.72 -12.94 1.92
C VAL A 304 -21.03 -12.58 3.38
N TRP A 305 -21.53 -13.45 4.25
CA TRP A 305 -21.88 -12.92 5.65
C TRP A 305 -20.63 -12.77 6.48
N ASP A 306 -19.69 -13.58 6.17
CA ASP A 306 -18.38 -13.59 6.76
C ASP A 306 -17.65 -12.27 6.47
N SER A 307 -17.65 -11.84 5.25
CA SER A 307 -17.00 -10.55 4.87
C SER A 307 -17.70 -9.32 5.51
N ALA A 308 -19.01 -9.41 5.67
CA ALA A 308 -19.81 -8.37 6.34
C ALA A 308 -19.33 -8.24 7.80
N LYS A 309 -19.23 -9.42 8.35
CA LYS A 309 -18.77 -9.64 9.77
C LYS A 309 -17.31 -9.21 9.93
N ALA A 310 -16.46 -9.53 8.95
CA ALA A 310 -15.04 -9.19 8.94
C ALA A 310 -14.94 -7.67 8.91
N ASN A 311 -15.78 -6.92 8.21
CA ASN A 311 -15.69 -5.46 8.28
C ASN A 311 -15.66 -4.90 9.72
N MET A 312 -16.72 -5.28 10.44
CA MET A 312 -17.00 -4.87 11.85
C MET A 312 -15.92 -5.44 12.76
N SER A 313 -15.43 -6.65 12.61
CA SER A 313 -14.37 -7.14 13.46
C SER A 313 -13.07 -6.32 13.31
N MET A 314 -12.77 -6.08 12.04
CA MET A 314 -11.54 -5.33 11.68
C MET A 314 -11.66 -3.97 12.37
N TYR A 315 -12.73 -3.27 12.15
CA TYR A 315 -12.84 -1.99 12.83
C TYR A 315 -12.67 -2.12 14.33
N LEU A 316 -13.32 -3.09 14.97
CA LEU A 316 -13.28 -3.27 16.45
C LEU A 316 -11.87 -3.62 16.91
N LEU A 317 -11.20 -4.59 16.24
CA LEU A 317 -9.80 -4.88 16.58
C LEU A 317 -8.92 -3.60 16.46
N LEU A 318 -9.07 -2.88 15.35
CA LEU A 318 -8.23 -1.67 15.17
C LEU A 318 -8.55 -0.69 16.28
N LYS A 319 -9.82 -0.58 16.58
CA LYS A 319 -10.24 0.35 17.67
C LYS A 319 -9.55 0.06 19.04
N GLU A 320 -9.50 -1.22 19.37
CA GLU A 320 -8.89 -1.71 20.60
C GLU A 320 -7.43 -1.32 20.58
N ARG A 321 -6.68 -1.67 19.54
CA ARG A 321 -5.26 -1.33 19.40
C ARG A 321 -5.01 0.16 19.47
N ALA A 322 -5.76 1.00 18.78
CA ALA A 322 -5.59 2.45 18.80
C ALA A 322 -5.86 3.14 20.12
N LEU A 323 -6.69 2.55 21.00
CA LEU A 323 -7.03 3.02 22.36
C LEU A 323 -5.85 2.59 23.23
N ALA A 324 -5.39 1.37 23.14
CA ALA A 324 -4.24 0.89 23.93
C ALA A 324 -3.07 1.86 23.73
N PHE A 325 -2.80 2.09 22.45
CA PHE A 325 -1.78 2.91 21.84
C PHE A 325 -1.73 4.30 22.44
N ARG A 326 -2.80 5.03 22.27
CA ARG A 326 -2.80 6.38 22.84
C ARG A 326 -2.79 6.38 24.36
N ALA A 327 -3.18 5.24 24.95
CA ALA A 327 -3.24 5.15 26.43
C ALA A 327 -1.86 4.79 26.96
N ASP A 328 -1.00 4.13 26.23
CA ASP A 328 0.37 3.82 26.68
C ASP A 328 1.15 5.08 27.06
N PRO A 329 1.62 5.12 28.29
CA PRO A 329 2.44 6.22 28.78
C PRO A 329 3.71 6.42 27.95
N GLU A 330 4.30 5.36 27.49
CA GLU A 330 5.53 5.38 26.70
C GLU A 330 5.32 6.04 25.33
N VAL A 331 4.11 5.88 24.83
CA VAL A 331 3.67 6.48 23.58
C VAL A 331 3.43 7.97 23.83
N GLN A 332 2.90 8.38 24.93
CA GLN A 332 2.59 9.81 25.19
C GLN A 332 3.89 10.62 25.34
N GLU A 333 4.88 9.94 25.89
CA GLU A 333 6.20 10.54 26.10
C GLU A 333 6.91 10.73 24.74
N ALA A 334 6.87 9.69 23.90
CA ALA A 334 7.47 9.69 22.56
C ALA A 334 6.88 10.81 21.71
N MET A 335 5.62 11.02 21.78
CA MET A 335 4.81 12.02 21.12
C MET A 335 5.29 13.43 21.50
N LYS A 336 5.45 13.59 22.82
CA LYS A 336 5.90 14.88 23.41
C LYS A 336 7.28 15.16 22.87
N THR A 337 8.23 14.23 22.90
CA THR A 337 9.55 14.29 22.36
C THR A 337 9.56 14.74 20.87
N SER A 338 8.69 14.16 20.07
CA SER A 338 8.58 14.37 18.66
C SER A 338 7.90 15.70 18.43
N GLY A 339 7.44 16.37 19.44
CA GLY A 339 6.83 17.67 19.15
C GLY A 339 5.41 17.61 18.72
N VAL A 340 4.70 16.47 18.85
CA VAL A 340 3.27 16.45 18.45
C VAL A 340 2.45 17.46 19.21
N PHE A 341 2.71 17.52 20.50
CA PHE A 341 1.89 18.56 21.28
C PHE A 341 2.37 19.94 20.92
N GLU A 342 3.66 20.12 20.74
CA GLU A 342 4.30 21.37 20.35
C GLU A 342 3.74 22.01 19.06
N LEU A 343 3.38 21.11 18.10
CA LEU A 343 2.79 21.67 16.88
C LEU A 343 1.52 22.43 17.18
N GLY A 344 0.85 22.18 18.27
CA GLY A 344 -0.40 22.81 18.69
C GLY A 344 -0.30 24.23 19.22
N GLU A 345 0.88 24.65 19.63
CA GLU A 345 1.16 25.99 20.14
C GLU A 345 1.29 26.94 18.96
N THR A 346 0.52 28.00 18.95
CA THR A 346 0.56 29.02 17.91
C THR A 346 2.01 29.53 17.78
N THR A 347 2.35 29.86 16.56
CA THR A 347 3.68 30.30 16.16
C THR A 347 4.06 31.67 16.72
N LEU A 348 3.11 32.54 16.56
CA LEU A 348 3.27 33.91 17.07
C LEU A 348 2.87 33.88 18.57
N ASN A 349 3.31 34.87 19.31
CA ASN A 349 2.98 35.08 20.71
C ASN A 349 1.72 35.95 20.64
N ALA A 350 0.88 35.86 21.64
CA ALA A 350 -0.36 36.66 21.68
C ALA A 350 -0.07 38.13 21.39
N GLY A 351 -0.87 38.66 20.48
CA GLY A 351 -0.67 40.04 20.09
C GLY A 351 0.80 40.31 19.76
N GLU A 352 1.43 39.58 18.86
CA GLU A 352 2.78 39.71 18.32
C GLU A 352 2.43 40.04 16.87
N SER A 353 2.96 40.99 16.18
CA SER A 353 2.52 41.20 14.76
C SER A 353 3.62 40.59 13.84
N ALA A 354 3.32 40.62 12.56
CA ALA A 354 4.28 40.18 11.53
C ALA A 354 5.57 41.00 11.73
N ALA A 355 5.39 42.31 11.76
CA ALA A 355 6.47 43.28 12.00
C ALA A 355 7.17 42.98 13.31
N ASP A 356 6.40 42.75 14.34
CA ASP A 356 7.05 42.42 15.63
C ASP A 356 8.02 41.27 15.43
N LEU A 357 7.63 40.18 14.74
CA LEU A 357 8.45 38.99 14.52
C LEU A 357 9.70 39.17 13.69
N MET A 358 9.57 39.81 12.56
CA MET A 358 10.72 40.04 11.68
C MET A 358 11.82 40.84 12.43
N ASN A 359 11.39 41.84 13.26
CA ASN A 359 12.54 42.51 13.89
C ASN A 359 12.93 41.80 15.17
N ASP A 360 12.26 40.76 15.63
CA ASP A 360 12.76 40.03 16.83
C ASP A 360 14.01 39.28 16.44
N SER A 361 15.17 39.66 16.85
CA SER A 361 16.48 39.14 16.58
C SER A 361 16.71 37.65 16.74
N ALA A 362 16.06 37.19 17.77
CA ALA A 362 16.11 35.82 18.27
C ALA A 362 15.36 34.83 17.41
N SER A 363 14.34 35.34 16.77
CA SER A 363 13.47 34.57 15.89
C SER A 363 14.04 34.46 14.48
N PHE A 364 14.90 35.44 14.18
CA PHE A 364 15.54 35.55 12.86
C PHE A 364 17.01 35.83 12.87
N ALA A 365 17.38 37.07 12.83
CA ALA A 365 18.71 37.61 12.79
C ALA A 365 19.73 36.89 13.65
N GLY A 366 19.41 36.61 14.90
CA GLY A 366 20.43 35.92 15.72
C GLY A 366 20.02 34.48 15.91
N PHE A 367 19.00 34.00 15.26
CA PHE A 367 18.57 32.59 15.41
C PHE A 367 19.69 31.68 14.96
N ASP A 368 20.06 30.69 15.77
CA ASP A 368 21.09 29.74 15.43
C ASP A 368 20.50 28.50 14.74
N ALA A 369 20.29 28.61 13.45
CA ALA A 369 19.74 27.56 12.58
C ALA A 369 20.47 26.26 12.63
N GLU A 370 21.79 26.25 12.66
CA GLU A 370 22.48 24.96 12.69
C GLU A 370 22.24 24.31 14.04
N ALA A 371 22.05 25.09 15.12
CA ALA A 371 21.87 24.37 16.39
C ALA A 371 20.46 23.78 16.44
N ALA A 372 19.44 24.46 15.99
CA ALA A 372 18.07 23.97 15.99
C ALA A 372 17.85 22.68 15.19
N ALA A 373 18.65 22.58 14.16
CA ALA A 373 18.63 21.52 13.20
C ALA A 373 19.18 20.26 13.80
N GLU A 374 19.65 20.43 15.03
CA GLU A 374 20.25 19.25 15.68
C GLU A 374 19.21 18.40 16.40
N ARG A 375 18.00 18.88 16.55
CA ARG A 375 16.96 18.15 17.21
C ARG A 375 16.69 16.78 16.54
N ASN A 376 16.72 15.73 17.33
CA ASN A 376 16.35 14.40 16.90
C ASN A 376 14.79 14.37 17.11
N PHE A 377 14.09 14.43 15.97
CA PHE A 377 12.61 14.34 16.01
C PHE A 377 12.27 12.89 16.38
N ALA A 378 13.00 11.81 16.24
CA ALA A 378 12.51 10.53 16.73
C ALA A 378 11.16 10.11 16.24
N PHE A 379 10.90 10.39 14.98
CA PHE A 379 9.60 9.96 14.34
C PHE A 379 9.73 8.45 14.01
N ILE A 380 10.89 7.92 13.76
CA ILE A 380 11.01 6.52 13.48
C ILE A 380 10.53 5.69 14.68
N ARG A 381 11.04 5.98 15.85
CA ARG A 381 10.66 5.33 17.11
C ARG A 381 9.16 5.55 17.36
N LEU A 382 8.65 6.73 17.30
CA LEU A 382 7.20 6.90 17.45
C LEU A 382 6.53 5.96 16.45
N ASN A 383 7.02 5.82 15.19
CA ASN A 383 6.39 4.91 14.23
C ASN A 383 6.43 3.48 14.74
N GLN A 384 7.56 3.04 15.24
CA GLN A 384 7.75 1.69 15.77
C GLN A 384 6.78 1.34 16.92
N LEU A 385 6.61 2.28 17.79
CA LEU A 385 5.65 2.08 18.90
C LEU A 385 4.27 1.81 18.32
N ALA A 386 3.80 2.65 17.41
CA ALA A 386 2.50 2.52 16.76
C ALA A 386 2.39 1.09 16.21
N ILE A 387 3.39 0.71 15.40
CA ILE A 387 3.34 -0.64 14.78
C ILE A 387 3.24 -1.71 15.87
N GLU A 388 4.08 -1.66 16.85
CA GLU A 388 4.05 -2.64 17.98
C GLU A 388 2.67 -2.61 18.61
N HIS A 389 1.98 -1.52 18.77
CA HIS A 389 0.63 -1.54 19.32
C HIS A 389 -0.30 -2.27 18.34
N LEU A 390 -0.19 -1.98 17.05
CA LEU A 390 -1.00 -2.62 16.02
C LEU A 390 -0.89 -4.11 15.98
N LEU A 391 0.23 -4.70 16.16
CA LEU A 391 0.61 -6.10 16.14
C LEU A 391 0.29 -6.81 17.46
N GLY A 392 -0.20 -6.06 18.39
CA GLY A 392 -0.57 -6.54 19.69
C GLY A 392 0.61 -7.11 20.44
N SER A 393 1.69 -6.45 20.38
CA SER A 393 3.03 -6.74 20.86
C SER A 393 3.38 -6.09 22.19
N ARG A 394 2.68 -5.01 22.40
CA ARG A 394 2.88 -4.19 23.60
C ARG A 394 1.48 -3.76 24.13
N VAL B 2 12.51 -11.68 20.72
CA VAL B 2 12.64 -10.49 19.87
C VAL B 2 13.91 -9.71 20.26
N GLN B 3 14.94 -10.51 20.32
CA GLN B 3 16.36 -10.19 20.54
C GLN B 3 17.05 -11.00 19.36
N PRO B 4 17.59 -10.29 18.37
CA PRO B 4 18.20 -10.98 17.23
C PRO B 4 19.49 -11.62 17.65
N THR B 5 19.89 -12.61 16.93
CA THR B 5 21.14 -13.31 17.16
C THR B 5 21.70 -13.80 15.82
N PRO B 6 23.01 -13.72 15.68
CA PRO B 6 23.72 -14.10 14.46
C PRO B 6 23.18 -15.23 13.64
N ALA B 7 22.35 -16.12 14.18
CA ALA B 7 21.85 -17.19 13.27
C ALA B 7 20.54 -16.72 12.63
N ASP B 8 20.11 -15.52 12.95
CA ASP B 8 18.93 -14.89 12.35
C ASP B 8 19.30 -14.45 10.92
N HIS B 9 20.58 -14.34 10.74
CA HIS B 9 21.31 -13.91 9.56
C HIS B 9 20.94 -12.52 9.09
N PHE B 10 20.78 -11.57 10.00
CA PHE B 10 20.48 -10.20 9.63
C PHE B 10 21.80 -9.51 9.28
N THR B 11 21.80 -8.95 8.09
CA THR B 11 22.92 -8.12 7.56
C THR B 11 22.40 -6.74 7.22
N PHE B 12 23.29 -5.80 7.25
CA PHE B 12 23.03 -4.37 6.96
C PHE B 12 24.12 -3.78 6.07
N GLY B 13 23.73 -2.92 5.14
CA GLY B 13 24.65 -2.25 4.25
C GLY B 13 25.12 -0.98 5.03
N LEU B 14 26.42 -0.72 4.80
CA LEU B 14 27.12 0.43 5.39
C LEU B 14 26.48 1.74 4.99
N TRP B 15 26.04 1.74 3.72
CA TRP B 15 25.38 2.91 3.18
C TRP B 15 24.03 3.13 3.86
N THR B 16 23.47 2.13 4.50
CA THR B 16 22.13 2.38 5.10
C THR B 16 22.17 3.26 6.35
N VAL B 17 22.89 2.68 7.34
CA VAL B 17 23.00 3.43 8.64
C VAL B 17 23.83 4.71 8.46
N GLY B 18 24.79 4.55 7.51
CA GLY B 18 25.65 5.66 7.21
C GLY B 18 24.97 6.71 6.37
N TRP B 19 23.76 6.57 5.84
CA TRP B 19 23.15 7.61 4.98
C TRP B 19 23.00 8.87 5.82
N THR B 20 23.59 9.97 5.44
CA THR B 20 23.55 11.21 6.25
C THR B 20 22.41 12.15 5.98
N GLY B 21 21.51 11.78 5.05
CA GLY B 21 20.32 12.55 4.79
C GLY B 21 20.18 13.47 3.66
N ALA B 22 21.12 13.48 2.76
CA ALA B 22 21.06 14.38 1.60
C ALA B 22 20.02 13.86 0.66
N ASP B 23 18.95 14.54 0.44
CA ASP B 23 17.94 14.01 -0.57
C ASP B 23 18.07 15.02 -1.70
N PRO B 24 17.28 14.94 -2.72
CA PRO B 24 17.33 15.92 -3.84
C PRO B 24 16.88 17.33 -3.50
N PHE B 25 16.21 17.56 -2.36
CA PHE B 25 15.80 18.91 -2.04
C PHE B 25 16.61 19.44 -0.88
N GLY B 26 17.62 18.81 -0.38
CA GLY B 26 18.40 19.22 0.77
C GLY B 26 19.66 18.43 1.10
N VAL B 27 20.46 19.06 1.96
CA VAL B 27 21.75 18.61 2.48
C VAL B 27 21.58 17.59 3.60
N ALA B 28 22.66 16.89 3.83
CA ALA B 28 22.80 15.86 4.84
C ALA B 28 22.40 16.45 6.20
N THR B 29 21.79 15.62 7.06
CA THR B 29 21.36 16.19 8.36
C THR B 29 22.12 15.57 9.51
N ARG B 30 23.00 14.68 9.14
CA ARG B 30 23.79 13.97 10.15
C ARG B 30 25.23 13.98 9.64
N LYS B 31 26.10 13.85 10.62
CA LYS B 31 27.56 13.81 10.46
C LYS B 31 27.88 12.46 9.81
N ASN B 32 28.96 12.33 9.09
CA ASN B 32 29.34 11.09 8.45
C ASN B 32 29.48 9.95 9.45
N LEU B 33 29.35 8.71 9.08
CA LEU B 33 29.53 7.66 10.11
C LEU B 33 30.86 6.97 9.85
N ASP B 34 31.74 6.74 10.76
CA ASP B 34 32.96 5.99 10.45
C ASP B 34 32.53 4.52 10.37
N PRO B 35 33.13 3.79 9.46
CA PRO B 35 32.88 2.38 9.20
C PRO B 35 33.32 1.47 10.31
N VAL B 36 34.35 1.88 11.01
CA VAL B 36 34.83 1.10 12.16
C VAL B 36 33.75 1.15 13.26
N GLU B 37 33.20 2.31 13.48
CA GLU B 37 32.13 2.60 14.42
C GLU B 37 30.84 1.89 14.01
N ALA B 38 30.69 1.76 12.68
CA ALA B 38 29.53 1.12 12.07
C ALA B 38 29.61 -0.38 12.39
N VAL B 39 30.78 -0.99 12.24
CA VAL B 39 30.92 -2.41 12.56
C VAL B 39 30.70 -2.74 14.05
N HIS B 40 31.29 -1.91 14.87
CA HIS B 40 31.19 -2.08 16.31
C HIS B 40 29.72 -1.91 16.63
N LYS B 41 29.11 -0.80 16.24
CA LYS B 41 27.69 -0.63 16.56
C LYS B 41 26.73 -1.68 16.05
N LEU B 42 26.92 -2.36 14.96
CA LEU B 42 25.98 -3.30 14.42
C LEU B 42 26.13 -4.67 15.04
N ALA B 43 27.39 -4.99 15.30
CA ALA B 43 27.75 -6.30 15.94
C ALA B 43 27.02 -6.39 17.29
N GLU B 44 27.03 -5.31 17.99
CA GLU B 44 26.40 -5.11 19.28
C GLU B 44 24.91 -5.17 19.29
N LEU B 45 24.27 -4.84 18.15
CA LEU B 45 22.81 -4.84 18.00
C LEU B 45 22.37 -6.26 17.67
N GLY B 46 23.32 -7.13 17.37
CA GLY B 46 22.94 -8.49 17.01
C GLY B 46 22.96 -8.80 15.55
N ALA B 47 23.61 -7.99 14.74
CA ALA B 47 23.70 -8.24 13.31
C ALA B 47 24.77 -9.33 13.12
N TYR B 48 24.59 -10.02 12.08
CA TYR B 48 25.48 -11.09 11.69
C TYR B 48 26.56 -10.69 10.70
N GLY B 49 26.24 -9.70 9.82
CA GLY B 49 27.15 -9.28 8.77
C GLY B 49 26.87 -7.88 8.33
N ILE B 50 27.83 -7.38 7.53
CA ILE B 50 27.79 -6.02 6.98
C ILE B 50 28.16 -6.18 5.50
N THR B 51 27.53 -5.32 4.72
CA THR B 51 27.78 -5.27 3.25
C THR B 51 28.26 -3.87 2.92
N PHE B 52 28.82 -3.66 1.76
CA PHE B 52 29.26 -2.31 1.34
C PHE B 52 29.47 -2.34 -0.18
N HIS B 53 29.51 -1.14 -0.66
CA HIS B 53 29.86 -0.73 -2.04
C HIS B 53 31.36 -0.27 -1.94
N ASP B 54 32.13 -0.63 -2.92
CA ASP B 54 33.54 -0.19 -2.92
C ASP B 54 33.68 1.22 -2.41
N ASN B 55 33.07 2.21 -3.03
CA ASN B 55 33.23 3.62 -2.54
C ASN B 55 32.56 3.94 -1.22
N ASP B 56 31.89 3.01 -0.57
CA ASP B 56 31.26 3.24 0.74
C ASP B 56 32.50 3.18 1.67
N LEU B 57 33.42 2.27 1.34
CA LEU B 57 34.62 2.12 2.19
C LEU B 57 35.82 2.90 1.70
N ILE B 58 36.23 2.67 0.44
CA ILE B 58 37.41 3.31 -0.14
C ILE B 58 36.92 4.43 -1.06
N PRO B 59 37.41 5.60 -0.79
CA PRO B 59 37.03 6.78 -1.60
C PRO B 59 37.39 6.56 -3.03
N PHE B 60 36.66 7.11 -3.96
CA PHE B 60 36.91 7.00 -5.40
C PHE B 60 38.34 7.48 -5.70
N ASP B 61 38.75 8.54 -5.05
CA ASP B 61 40.02 9.21 -5.13
C ASP B 61 41.15 8.61 -4.33
N ALA B 62 40.96 7.66 -3.46
CA ALA B 62 42.04 7.10 -2.63
C ALA B 62 43.24 6.53 -3.39
N THR B 63 44.38 6.72 -2.72
CA THR B 63 45.70 6.26 -3.13
C THR B 63 45.81 4.86 -2.48
N GLU B 64 46.64 4.08 -3.08
CA GLU B 64 46.91 2.72 -2.70
C GLU B 64 47.20 2.46 -1.22
N ALA B 65 47.95 3.38 -0.68
CA ALA B 65 48.36 3.27 0.75
C ALA B 65 47.14 3.61 1.61
N GLU B 66 46.34 4.52 1.04
CA GLU B 66 45.11 4.98 1.70
C GLU B 66 44.14 3.78 1.70
N ARG B 67 44.12 3.11 0.55
CA ARG B 67 43.21 1.96 0.44
C ARG B 67 43.64 0.96 1.52
N GLU B 68 44.92 0.61 1.51
CA GLU B 68 45.51 -0.32 2.49
C GLU B 68 45.30 0.16 3.93
N LYS B 69 45.44 1.41 4.24
CA LYS B 69 45.21 1.81 5.64
C LYS B 69 43.76 1.60 6.04
N ILE B 70 42.80 1.91 5.17
CA ILE B 70 41.36 1.77 5.40
C ILE B 70 40.98 0.30 5.63
N LEU B 71 41.34 -0.61 4.77
CA LEU B 71 41.02 -2.03 4.91
C LEU B 71 41.64 -2.65 6.15
N GLY B 72 42.75 -2.16 6.62
CA GLY B 72 43.46 -2.66 7.78
C GLY B 72 42.56 -2.35 8.99
N ASP B 73 42.15 -1.11 9.18
CA ASP B 73 41.30 -0.82 10.35
C ASP B 73 39.96 -1.55 10.27
N PHE B 74 39.46 -1.58 9.03
CA PHE B 74 38.19 -2.25 8.75
C PHE B 74 38.35 -3.74 9.01
N ASN B 75 39.34 -4.36 8.46
CA ASN B 75 39.52 -5.79 8.73
C ASN B 75 39.69 -6.14 10.23
N GLN B 76 40.31 -5.25 10.97
CA GLN B 76 40.57 -5.42 12.38
C GLN B 76 39.23 -5.52 13.12
N ALA B 77 38.41 -4.53 12.79
CA ALA B 77 37.07 -4.34 13.34
C ALA B 77 36.21 -5.58 13.15
N LEU B 78 36.29 -6.20 11.97
CA LEU B 78 35.52 -7.39 11.65
C LEU B 78 35.98 -8.53 12.58
N LYS B 79 37.32 -8.51 12.76
CA LYS B 79 37.99 -9.52 13.63
C LYS B 79 37.52 -9.26 15.07
N ASP B 80 37.67 -8.05 15.53
CA ASP B 80 37.24 -7.74 16.88
C ASP B 80 35.80 -8.08 17.19
N THR B 81 34.95 -8.07 16.18
CA THR B 81 33.50 -8.27 16.33
C THR B 81 33.00 -9.61 15.87
N GLY B 82 33.64 -10.21 14.89
CA GLY B 82 33.15 -11.48 14.36
C GLY B 82 32.14 -11.21 13.23
N LEU B 83 31.85 -9.97 12.87
CA LEU B 83 30.91 -9.75 11.77
C LEU B 83 31.50 -10.34 10.48
N LYS B 84 30.65 -10.82 9.64
CA LYS B 84 31.04 -11.34 8.32
C LYS B 84 30.70 -10.21 7.31
N VAL B 85 31.17 -10.47 6.09
CA VAL B 85 30.94 -9.65 4.91
C VAL B 85 30.37 -10.56 3.81
N PRO B 86 29.08 -10.84 3.93
CA PRO B 86 28.39 -11.75 2.99
C PRO B 86 28.23 -11.29 1.58
N MET B 87 28.12 -9.99 1.34
CA MET B 87 27.88 -9.50 -0.02
C MET B 87 28.68 -8.20 -0.12
N VAL B 88 29.15 -7.97 -1.33
CA VAL B 88 29.89 -6.77 -1.72
C VAL B 88 29.28 -6.26 -3.03
N THR B 89 29.34 -4.95 -3.21
CA THR B 89 28.79 -4.42 -4.50
C THR B 89 29.64 -3.24 -4.94
N THR B 90 29.48 -2.79 -6.18
CA THR B 90 30.23 -1.68 -6.74
C THR B 90 29.43 -0.43 -6.93
N ASN B 91 29.98 0.75 -6.69
CA ASN B 91 29.27 2.02 -6.97
C ASN B 91 29.48 2.39 -8.47
N LEU B 92 28.55 2.15 -9.34
CA LEU B 92 28.54 2.49 -10.75
C LEU B 92 27.44 3.55 -10.99
N PHE B 93 27.23 4.50 -10.06
CA PHE B 93 26.19 5.48 -10.14
C PHE B 93 26.48 6.82 -9.56
N SER B 94 27.32 7.05 -8.61
CA SER B 94 27.53 8.38 -8.01
C SER B 94 28.35 9.48 -8.67
N HIS B 95 29.51 9.05 -9.13
CA HIS B 95 30.45 9.90 -9.83
C HIS B 95 29.82 10.30 -11.17
N PRO B 96 30.05 11.54 -11.54
CA PRO B 96 29.57 12.09 -12.82
C PRO B 96 29.83 11.27 -14.05
N VAL B 97 30.86 10.44 -14.09
CA VAL B 97 31.19 9.66 -15.24
C VAL B 97 30.14 8.63 -15.59
N PHE B 98 29.42 8.19 -14.61
CA PHE B 98 28.36 7.16 -14.78
C PHE B 98 27.00 7.78 -15.05
N LYS B 99 27.01 9.02 -15.49
CA LYS B 99 25.78 9.77 -15.77
C LYS B 99 24.93 9.05 -16.81
N ASP B 100 25.47 8.25 -17.72
CA ASP B 100 24.63 7.55 -18.72
C ASP B 100 24.72 6.05 -18.43
N GLY B 101 25.37 5.64 -17.34
CA GLY B 101 25.46 4.24 -16.99
C GLY B 101 26.92 3.81 -16.87
N GLY B 102 27.05 2.57 -16.54
CA GLY B 102 28.38 1.95 -16.37
C GLY B 102 28.43 1.04 -17.62
N PHE B 103 28.00 -0.21 -17.47
CA PHE B 103 27.97 -1.18 -18.53
C PHE B 103 27.18 -0.79 -19.77
N THR B 104 26.16 0.06 -19.62
CA THR B 104 25.39 0.41 -20.82
C THR B 104 25.58 1.85 -21.24
N SER B 105 26.56 2.55 -20.75
CA SER B 105 26.87 3.92 -21.13
C SER B 105 27.07 4.01 -22.64
N ASN B 106 26.51 5.02 -23.26
CA ASN B 106 26.69 5.16 -24.73
C ASN B 106 28.18 5.34 -25.04
N ASP B 107 29.03 5.84 -24.19
CA ASP B 107 30.46 6.03 -24.42
C ASP B 107 31.17 4.71 -24.14
N ARG B 108 31.90 4.19 -25.11
CA ARG B 108 32.59 2.94 -24.95
C ARG B 108 33.70 3.05 -23.92
N SER B 109 34.35 4.21 -23.78
CA SER B 109 35.47 4.19 -22.79
C SER B 109 34.93 4.19 -21.36
N ILE B 110 33.74 4.71 -21.12
CA ILE B 110 33.12 4.65 -19.79
C ILE B 110 32.76 3.19 -19.55
N ARG B 111 32.20 2.49 -20.55
CA ARG B 111 31.88 1.05 -20.38
C ARG B 111 33.07 0.23 -19.92
N ARG B 112 34.20 0.32 -20.55
CA ARG B 112 35.49 -0.35 -20.21
C ARG B 112 35.89 0.04 -18.79
N PHE B 113 35.77 1.30 -18.42
CA PHE B 113 36.07 1.80 -17.09
C PHE B 113 35.05 1.20 -16.11
N ALA B 114 33.75 1.21 -16.41
CA ALA B 114 32.76 0.63 -15.45
C ALA B 114 33.02 -0.86 -15.24
N LEU B 115 33.38 -1.58 -16.27
CA LEU B 115 33.70 -3.00 -16.20
C LEU B 115 35.02 -3.27 -15.48
N ALA B 116 36.02 -2.41 -15.57
CA ALA B 116 37.29 -2.67 -14.84
C ALA B 116 37.06 -2.35 -13.36
N LYS B 117 36.16 -1.37 -13.08
CA LYS B 117 35.83 -1.04 -11.68
C LYS B 117 35.18 -2.30 -11.05
N VAL B 118 34.35 -3.02 -11.80
CA VAL B 118 33.67 -4.20 -11.32
C VAL B 118 34.67 -5.33 -11.09
N LEU B 119 35.55 -5.54 -12.06
CA LEU B 119 36.52 -6.68 -11.96
C LEU B 119 37.40 -6.57 -10.74
N HIS B 120 37.94 -5.43 -10.50
CA HIS B 120 38.79 -5.12 -9.35
C HIS B 120 38.01 -5.38 -8.10
N ASN B 121 36.74 -5.05 -8.06
CA ASN B 121 35.80 -5.24 -6.94
C ASN B 121 35.46 -6.72 -6.70
N ILE B 122 35.48 -7.58 -7.71
CA ILE B 122 35.25 -9.01 -7.53
C ILE B 122 36.45 -9.55 -6.74
N ASP B 123 37.65 -9.07 -7.05
CA ASP B 123 38.86 -9.43 -6.34
C ASP B 123 38.71 -8.98 -4.91
N LEU B 124 38.30 -7.79 -4.57
CA LEU B 124 38.14 -7.45 -3.15
C LEU B 124 37.07 -8.31 -2.47
N ALA B 125 36.03 -8.64 -3.22
CA ALA B 125 34.89 -9.45 -2.76
C ALA B 125 35.37 -10.82 -2.34
N ALA B 126 36.13 -11.44 -3.23
CA ALA B 126 36.71 -12.80 -2.95
C ALA B 126 37.51 -12.67 -1.65
N GLU B 127 38.39 -11.70 -1.61
CA GLU B 127 39.26 -11.42 -0.45
C GLU B 127 38.48 -11.22 0.83
N MET B 128 37.26 -10.72 0.78
CA MET B 128 36.47 -10.48 1.99
C MET B 128 35.72 -11.72 2.47
N GLY B 129 35.51 -12.69 1.67
CA GLY B 129 34.74 -13.86 2.05
C GLY B 129 33.29 -13.70 1.63
N ALA B 130 32.91 -12.73 0.84
CA ALA B 130 31.57 -12.51 0.31
C ALA B 130 31.27 -13.70 -0.62
N GLU B 131 30.04 -14.15 -0.59
CA GLU B 131 29.50 -15.24 -1.39
C GLU B 131 28.68 -14.71 -2.58
N THR B 132 28.15 -13.49 -2.37
CA THR B 132 27.34 -12.77 -3.34
C THR B 132 27.92 -11.37 -3.64
N PHE B 133 27.91 -11.14 -4.92
CA PHE B 133 28.35 -9.87 -5.54
C PHE B 133 27.09 -9.28 -6.21
N VAL B 134 26.65 -8.16 -5.71
CA VAL B 134 25.44 -7.52 -6.23
C VAL B 134 25.83 -6.45 -7.27
N MET B 135 24.94 -6.43 -8.24
CA MET B 135 24.93 -5.48 -9.35
C MET B 135 23.60 -4.73 -9.38
N TRP B 136 23.65 -3.48 -9.17
CA TRP B 136 22.43 -2.64 -9.32
C TRP B 136 22.71 -1.66 -10.49
N GLY B 137 22.12 -1.79 -11.63
CA GLY B 137 22.32 -0.97 -12.82
C GLY B 137 21.43 0.26 -12.66
N GLY B 138 21.73 1.04 -11.64
CA GLY B 138 20.94 2.23 -11.36
C GLY B 138 20.98 3.35 -12.40
N ARG B 139 22.06 3.44 -13.18
CA ARG B 139 22.09 4.52 -14.20
C ARG B 139 21.84 3.86 -15.59
N GLU B 140 21.70 2.57 -15.65
CA GLU B 140 21.43 1.89 -16.91
C GLU B 140 20.00 2.08 -17.35
N GLY B 141 19.78 3.00 -18.28
CA GLY B 141 18.39 3.28 -18.80
C GLY B 141 18.34 4.60 -19.55
N SER B 142 17.24 5.33 -19.54
CA SER B 142 17.07 6.60 -20.27
C SER B 142 15.94 7.48 -19.79
N GLU B 143 15.81 8.74 -20.22
CA GLU B 143 14.68 9.58 -19.84
C GLU B 143 13.80 9.73 -21.08
N TYR B 144 14.40 9.48 -22.25
CA TYR B 144 13.76 9.63 -23.58
C TYR B 144 13.92 8.36 -24.37
N ASP B 145 12.90 7.96 -25.08
CA ASP B 145 12.93 6.66 -25.80
C ASP B 145 13.98 6.56 -26.87
N GLY B 146 14.37 7.66 -27.51
CA GLY B 146 15.33 7.66 -28.57
C GLY B 146 16.76 7.70 -28.19
N SER B 147 17.08 7.76 -26.89
CA SER B 147 18.45 7.89 -26.39
C SER B 147 19.33 6.70 -26.54
N LYS B 148 18.69 5.57 -26.75
CA LYS B 148 19.38 4.28 -26.86
C LYS B 148 18.93 3.35 -27.96
N ASP B 149 19.83 2.48 -28.38
CA ASP B 149 19.46 1.41 -29.28
C ASP B 149 19.14 0.31 -28.19
N LEU B 150 17.84 0.02 -28.09
CA LEU B 150 17.42 -0.99 -27.07
C LEU B 150 18.01 -2.34 -27.21
N ALA B 151 18.28 -2.94 -28.35
CA ALA B 151 18.94 -4.23 -28.50
C ALA B 151 20.39 -4.07 -28.05
N ALA B 152 21.09 -3.02 -28.44
CA ALA B 152 22.51 -2.89 -28.07
C ALA B 152 22.72 -2.75 -26.59
N ALA B 153 21.78 -2.05 -25.91
CA ALA B 153 21.94 -1.87 -24.44
C ALA B 153 21.99 -3.21 -23.74
N LEU B 154 21.18 -4.19 -24.15
CA LEU B 154 21.09 -5.55 -23.60
C LEU B 154 22.34 -6.30 -23.95
N ASP B 155 22.81 -6.16 -25.19
CA ASP B 155 24.11 -6.79 -25.61
C ASP B 155 25.26 -6.28 -24.73
N ARG B 156 25.25 -4.94 -24.51
CA ARG B 156 26.29 -4.36 -23.66
C ARG B 156 26.12 -4.83 -22.25
N MET B 157 24.87 -4.96 -21.78
CA MET B 157 24.59 -5.48 -20.41
C MET B 157 25.05 -6.94 -20.31
N ARG B 158 24.55 -7.77 -21.20
CA ARG B 158 24.97 -9.16 -21.24
C ARG B 158 26.52 -9.26 -21.17
N GLU B 159 27.21 -8.51 -22.04
CA GLU B 159 28.65 -8.48 -22.15
C GLU B 159 29.33 -8.19 -20.82
N GLY B 160 28.90 -7.19 -20.10
CA GLY B 160 29.51 -6.82 -18.85
C GLY B 160 29.28 -7.93 -17.86
N VAL B 161 28.08 -8.46 -17.67
CA VAL B 161 27.77 -9.48 -16.69
C VAL B 161 28.45 -10.79 -17.06
N ASP B 162 28.45 -11.19 -18.32
CA ASP B 162 29.10 -12.45 -18.69
C ASP B 162 30.61 -12.27 -18.55
N THR B 163 31.19 -11.11 -18.71
CA THR B 163 32.63 -10.99 -18.52
C THR B 163 32.94 -11.17 -17.06
N ALA B 164 32.20 -10.56 -16.17
CA ALA B 164 32.39 -10.69 -14.75
C ALA B 164 32.21 -12.15 -14.32
N ALA B 165 31.18 -12.81 -14.81
CA ALA B 165 30.92 -14.23 -14.46
C ALA B 165 32.12 -15.10 -14.84
N GLY B 166 32.51 -15.14 -16.11
CA GLY B 166 33.65 -15.91 -16.59
C GLY B 166 34.90 -15.63 -15.74
N TYR B 167 35.04 -14.39 -15.36
CA TYR B 167 36.18 -13.96 -14.53
C TYR B 167 36.10 -14.77 -13.24
N ILE B 168 34.92 -14.83 -12.66
CA ILE B 168 34.70 -15.56 -11.41
C ILE B 168 35.14 -17.02 -11.62
N LYS B 169 34.57 -17.63 -12.64
CA LYS B 169 34.86 -19.06 -12.91
C LYS B 169 36.36 -19.27 -13.09
N ASP B 170 37.00 -18.39 -13.83
CA ASP B 170 38.44 -18.46 -14.06
C ASP B 170 39.30 -18.46 -12.83
N LYS B 171 38.98 -17.67 -11.86
CA LYS B 171 39.71 -17.50 -10.62
C LYS B 171 39.27 -18.47 -9.56
N GLY B 172 38.15 -19.13 -9.81
CA GLY B 172 37.59 -20.06 -8.83
C GLY B 172 37.15 -19.38 -7.54
N TYR B 173 36.58 -18.18 -7.64
CA TYR B 173 36.08 -17.49 -6.42
C TYR B 173 34.77 -18.22 -6.15
N ASN B 174 34.39 -18.36 -4.91
CA ASN B 174 33.10 -19.00 -4.58
C ASN B 174 32.16 -17.79 -4.31
N LEU B 175 31.65 -17.24 -5.39
CA LEU B 175 30.77 -16.11 -5.45
C LEU B 175 29.72 -16.30 -6.56
N ARG B 176 28.59 -15.71 -6.31
CA ARG B 176 27.50 -15.67 -7.32
C ARG B 176 27.19 -14.22 -7.56
N ILE B 177 26.66 -13.94 -8.73
CA ILE B 177 26.23 -12.56 -9.08
C ILE B 177 24.69 -12.46 -8.88
N ALA B 178 24.32 -11.40 -8.21
CA ALA B 178 22.87 -11.17 -8.03
C ALA B 178 22.54 -9.82 -8.66
N LEU B 179 21.60 -9.73 -9.59
CA LEU B 179 21.13 -8.49 -10.20
C LEU B 179 19.94 -7.94 -9.38
N GLU B 180 19.99 -6.65 -9.22
CA GLU B 180 18.92 -5.97 -8.49
C GLU B 180 18.14 -5.07 -9.41
N PRO B 181 16.91 -5.52 -9.71
CA PRO B 181 15.98 -4.80 -10.59
C PRO B 181 15.45 -3.56 -9.90
N LYS B 182 15.14 -2.53 -10.65
CA LYS B 182 14.57 -1.27 -10.21
C LYS B 182 13.96 -0.72 -11.52
N PRO B 183 12.70 -0.27 -11.43
CA PRO B 183 11.97 0.24 -12.57
C PRO B 183 12.34 1.68 -12.92
N ASN B 184 12.61 2.54 -11.94
CA ASN B 184 13.02 3.90 -12.25
C ASN B 184 13.82 4.43 -11.08
N GLU B 185 14.27 5.70 -11.22
CA GLU B 185 15.02 6.47 -10.24
C GLU B 185 16.36 5.88 -9.88
N PRO B 186 17.47 6.46 -10.31
CA PRO B 186 17.56 7.75 -10.99
C PRO B 186 17.19 7.99 -12.42
N ARG B 187 17.08 6.96 -13.24
CA ARG B 187 16.69 7.13 -14.66
C ARG B 187 15.17 7.19 -14.75
N GLY B 188 14.61 7.77 -15.79
CA GLY B 188 13.15 7.75 -15.91
C GLY B 188 12.77 6.26 -16.13
N ASP B 189 13.58 5.46 -16.75
CA ASP B 189 13.40 4.04 -17.06
C ASP B 189 14.75 3.30 -16.92
N ILE B 190 14.75 2.34 -16.00
CA ILE B 190 15.98 1.58 -15.80
C ILE B 190 15.75 0.29 -16.61
N PHE B 191 16.77 -0.35 -17.13
CA PHE B 191 16.59 -1.58 -17.89
C PHE B 191 16.48 -2.72 -16.86
N LEU B 192 15.75 -3.77 -17.20
CA LEU B 192 15.48 -4.87 -16.24
C LEU B 192 14.74 -4.18 -15.06
N PRO B 193 13.58 -3.57 -15.30
CA PRO B 193 12.85 -2.84 -14.29
C PRO B 193 12.24 -3.67 -13.22
N THR B 194 11.96 -4.94 -13.33
CA THR B 194 11.35 -5.79 -12.30
C THR B 194 12.05 -7.11 -12.20
N VAL B 195 11.57 -7.94 -11.29
CA VAL B 195 12.09 -9.31 -11.05
C VAL B 195 11.98 -10.09 -12.35
N GLY B 196 10.83 -10.05 -13.03
CA GLY B 196 10.67 -10.82 -14.27
C GLY B 196 11.74 -10.57 -15.31
N HIS B 197 11.97 -9.30 -15.63
CA HIS B 197 12.92 -8.78 -16.61
C HIS B 197 14.31 -9.24 -16.18
N GLY B 198 14.56 -9.17 -14.88
CA GLY B 198 15.86 -9.66 -14.36
C GLY B 198 16.01 -11.16 -14.66
N LEU B 199 15.04 -12.00 -14.28
CA LEU B 199 15.03 -13.41 -14.46
C LEU B 199 15.18 -13.78 -15.93
N ALA B 200 14.41 -13.15 -16.79
CA ALA B 200 14.44 -13.45 -18.23
C ALA B 200 15.83 -13.26 -18.79
N PHE B 201 16.34 -12.05 -18.53
CA PHE B 201 17.68 -11.62 -18.99
C PHE B 201 18.78 -12.64 -18.64
N ILE B 202 18.78 -13.14 -17.39
CA ILE B 202 19.76 -14.15 -16.97
C ILE B 202 19.74 -15.34 -17.91
N GLU B 203 18.59 -15.72 -18.43
CA GLU B 203 18.51 -16.90 -19.30
C GLU B 203 19.20 -16.77 -20.64
N GLN B 204 19.67 -15.60 -21.02
CA GLN B 204 20.30 -15.26 -22.29
C GLN B 204 21.83 -15.13 -22.17
N LEU B 205 22.31 -15.26 -20.94
CA LEU B 205 23.70 -15.17 -20.64
C LEU B 205 24.44 -16.47 -20.89
N GLU B 206 25.71 -16.32 -21.11
CA GLU B 206 26.57 -17.51 -21.31
C GLU B 206 26.80 -18.10 -19.90
N HIS B 207 27.01 -17.26 -18.89
CA HIS B 207 27.29 -17.81 -17.57
C HIS B 207 26.16 -17.71 -16.58
N GLY B 208 24.94 -17.82 -17.04
CA GLY B 208 23.71 -17.69 -16.23
C GLY B 208 23.65 -18.52 -14.98
N ASP B 209 24.29 -19.68 -15.04
CA ASP B 209 24.37 -20.66 -13.98
C ASP B 209 24.83 -20.06 -12.66
N ILE B 210 25.70 -19.06 -12.77
CA ILE B 210 26.17 -18.42 -11.50
C ILE B 210 25.56 -17.06 -11.32
N VAL B 211 24.52 -16.79 -12.12
CA VAL B 211 23.83 -15.47 -12.01
C VAL B 211 22.38 -15.60 -11.54
N GLY B 212 21.96 -14.89 -10.52
CA GLY B 212 20.59 -14.95 -9.98
C GLY B 212 20.14 -13.56 -9.61
N LEU B 213 19.17 -13.31 -8.76
CA LEU B 213 18.69 -11.97 -8.46
C LEU B 213 18.76 -11.50 -7.02
N ASN B 214 18.63 -10.22 -6.84
CA ASN B 214 18.61 -9.62 -5.52
C ASN B 214 17.38 -8.65 -5.53
N PRO B 215 16.18 -9.21 -5.33
CA PRO B 215 14.94 -8.47 -5.30
C PRO B 215 14.96 -7.52 -4.13
N GLU B 216 14.23 -6.43 -4.17
CA GLU B 216 14.17 -5.46 -3.12
C GLU B 216 12.68 -5.06 -3.06
N THR B 217 12.09 -5.11 -1.88
CA THR B 217 10.72 -4.77 -1.53
C THR B 217 10.21 -3.50 -2.19
N GLY B 218 10.73 -2.35 -1.88
CA GLY B 218 10.47 -1.01 -2.38
C GLY B 218 10.43 -0.89 -3.89
N HIS B 219 11.41 -1.60 -4.47
CA HIS B 219 11.61 -1.66 -5.92
C HIS B 219 10.43 -2.28 -6.61
N GLU B 220 10.08 -3.52 -6.37
CA GLU B 220 8.87 -4.03 -7.07
C GLU B 220 7.67 -3.22 -6.71
N GLN B 221 7.66 -2.76 -5.47
CA GLN B 221 6.44 -1.96 -5.10
C GLN B 221 6.41 -0.69 -5.92
N MET B 222 7.49 -0.09 -6.38
CA MET B 222 7.49 1.12 -7.25
C MET B 222 6.83 0.81 -8.62
N ALA B 223 6.57 -0.39 -9.03
CA ALA B 223 5.82 -0.73 -10.21
C ALA B 223 4.46 -1.30 -9.86
N GLY B 224 4.06 -1.23 -8.61
CA GLY B 224 2.83 -1.69 -8.01
C GLY B 224 2.61 -3.17 -7.97
N LEU B 225 3.72 -3.90 -8.06
CA LEU B 225 3.75 -5.38 -8.05
C LEU B 225 3.67 -5.91 -6.58
N ASN B 226 3.29 -7.18 -6.49
CA ASN B 226 3.16 -7.98 -5.29
C ASN B 226 4.54 -8.63 -5.06
N PHE B 227 5.20 -8.12 -4.05
CA PHE B 227 6.58 -8.58 -3.75
C PHE B 227 6.67 -10.06 -3.45
N THR B 228 5.66 -10.60 -2.75
CA THR B 228 5.59 -12.04 -2.40
C THR B 228 5.39 -12.85 -3.64
N HIS B 229 4.58 -12.37 -4.57
CA HIS B 229 4.44 -13.13 -5.83
C HIS B 229 5.74 -13.04 -6.61
N GLY B 230 6.51 -11.99 -6.60
CA GLY B 230 7.76 -11.88 -7.32
C GLY B 230 8.86 -12.69 -6.76
N ILE B 231 9.04 -12.56 -5.43
CA ILE B 231 10.16 -13.45 -4.84
C ILE B 231 9.77 -14.91 -4.99
N ALA B 232 8.50 -15.27 -4.90
CA ALA B 232 8.03 -16.63 -5.13
C ALA B 232 8.51 -17.13 -6.50
N GLN B 233 8.41 -16.38 -7.56
CA GLN B 233 8.82 -16.76 -8.92
C GLN B 233 10.35 -16.93 -9.03
N ALA B 234 11.06 -16.07 -8.26
CA ALA B 234 12.54 -16.15 -8.28
C ALA B 234 12.99 -17.49 -7.70
N LEU B 235 12.39 -17.85 -6.59
CA LEU B 235 12.61 -19.10 -5.78
C LEU B 235 12.18 -20.26 -6.64
N TRP B 236 10.96 -20.20 -7.12
CA TRP B 236 10.48 -21.29 -8.02
C TRP B 236 11.60 -21.57 -9.07
N ALA B 237 12.23 -20.56 -9.62
CA ALA B 237 13.25 -20.63 -10.64
C ALA B 237 14.60 -20.91 -10.07
N GLU B 238 14.75 -20.92 -8.80
CA GLU B 238 16.02 -21.20 -8.09
C GLU B 238 17.05 -20.16 -8.42
N LYS B 239 16.48 -18.90 -8.34
CA LYS B 239 17.28 -17.69 -8.66
C LYS B 239 17.25 -16.70 -7.56
N LEU B 240 16.68 -16.93 -6.41
CA LEU B 240 16.66 -16.00 -5.28
C LEU B 240 17.96 -16.13 -4.48
N PHE B 241 19.00 -15.45 -4.90
CA PHE B 241 20.33 -15.45 -4.29
C PHE B 241 20.47 -14.45 -3.15
N HIS B 242 19.70 -13.39 -3.08
CA HIS B 242 19.96 -12.50 -1.92
C HIS B 242 18.67 -11.73 -1.85
N ILE B 243 18.48 -10.86 -0.86
CA ILE B 243 17.19 -10.13 -0.84
C ILE B 243 17.47 -8.85 -0.09
N ASP B 244 16.76 -7.81 -0.49
CA ASP B 244 16.88 -6.50 0.21
C ASP B 244 15.48 -6.27 0.74
N LEU B 245 15.35 -6.06 2.02
CA LEU B 245 14.08 -5.83 2.75
C LEU B 245 13.94 -4.42 3.30
N ASN B 246 12.82 -3.76 3.10
CA ASN B 246 12.55 -2.39 3.55
C ASN B 246 11.06 -2.16 3.28
N GLY B 247 10.69 -0.93 3.40
CA GLY B 247 9.34 -0.44 3.25
C GLY B 247 9.17 0.76 2.31
N GLN B 248 8.06 0.66 1.61
CA GLN B 248 7.61 1.54 0.58
C GLN B 248 6.11 1.79 0.79
N ARG B 249 5.64 2.99 0.81
CA ARG B 249 4.22 3.26 1.02
C ARG B 249 3.71 3.84 -0.29
N GLY B 250 3.52 3.04 -1.33
CA GLY B 250 3.07 3.53 -2.61
C GLY B 250 4.12 3.66 -3.70
N ILE B 251 3.51 3.92 -4.89
CA ILE B 251 4.24 4.17 -6.14
C ILE B 251 4.65 5.64 -5.97
N LYS B 252 5.93 5.84 -5.76
CA LYS B 252 6.48 7.22 -5.60
C LYS B 252 7.97 7.03 -5.56
N TYR B 253 8.77 7.99 -5.19
CA TYR B 253 10.23 7.83 -5.12
C TYR B 253 10.64 6.68 -4.21
N ASP B 254 11.87 6.18 -4.29
CA ASP B 254 12.37 5.10 -3.37
C ASP B 254 12.46 5.70 -1.95
N GLN B 255 11.62 5.16 -1.05
CA GLN B 255 11.49 5.62 0.35
C GLN B 255 12.45 4.93 1.26
N ASP B 256 12.76 3.65 1.09
CA ASP B 256 13.72 2.89 1.94
C ASP B 256 13.31 3.00 3.42
N LEU B 257 12.03 2.85 3.75
CA LEU B 257 11.61 2.93 5.17
C LEU B 257 12.09 1.63 5.82
N VAL B 258 11.97 1.46 7.10
CA VAL B 258 12.39 0.19 7.75
C VAL B 258 11.46 -0.94 7.27
N PHE B 259 11.90 -2.17 7.29
CA PHE B 259 11.00 -3.25 6.89
C PHE B 259 9.80 -3.28 7.83
N GLY B 260 8.58 -3.31 7.33
CA GLY B 260 7.35 -3.32 8.06
C GLY B 260 6.76 -1.92 8.20
N HIS B 261 7.48 -0.84 7.91
CA HIS B 261 6.93 0.52 8.01
C HIS B 261 6.28 0.95 6.69
N GLY B 262 6.20 0.08 5.73
CA GLY B 262 5.56 0.17 4.44
C GLY B 262 4.21 -0.60 4.50
N ASP B 263 4.08 -1.47 3.53
CA ASP B 263 2.96 -2.38 3.29
C ASP B 263 3.10 -3.59 4.28
N LEU B 264 2.38 -3.40 5.43
CA LEU B 264 2.41 -4.36 6.54
C LEU B 264 1.89 -5.75 6.26
N THR B 265 0.77 -5.90 5.62
CA THR B 265 0.27 -7.22 5.29
C THR B 265 1.20 -7.96 4.38
N SER B 266 1.81 -7.25 3.43
CA SER B 266 2.78 -7.82 2.43
C SER B 266 4.03 -8.26 3.11
N ALA B 267 4.54 -7.47 4.06
CA ALA B 267 5.75 -7.81 4.86
C ALA B 267 5.53 -9.14 5.58
N PHE B 268 4.34 -9.28 6.16
CA PHE B 268 3.91 -10.49 6.84
C PHE B 268 3.96 -11.68 5.91
N PHE B 269 3.37 -11.57 4.73
CA PHE B 269 3.40 -12.73 3.81
C PHE B 269 4.78 -12.98 3.26
N THR B 270 5.64 -12.03 3.23
CA THR B 270 7.05 -12.07 2.78
C THR B 270 7.80 -12.91 3.80
N VAL B 271 7.67 -12.53 5.08
CA VAL B 271 8.28 -13.27 6.21
C VAL B 271 7.71 -14.72 6.17
N ASP B 272 6.43 -14.94 5.99
CA ASP B 272 5.89 -16.28 5.89
C ASP B 272 6.59 -16.98 4.76
N LEU B 273 6.77 -16.44 3.53
CA LEU B 273 7.49 -17.25 2.51
C LEU B 273 8.97 -17.42 2.83
N LEU B 274 9.67 -16.50 3.45
CA LEU B 274 11.12 -16.69 3.68
C LEU B 274 11.35 -17.65 4.84
N GLU B 275 10.62 -17.52 5.88
CA GLU B 275 10.68 -18.36 7.04
C GLU B 275 10.04 -19.70 6.85
N ASN B 276 8.82 -19.83 6.41
CA ASN B 276 8.10 -21.08 6.28
C ASN B 276 8.09 -21.68 4.90
N GLY B 277 8.31 -20.96 3.84
CA GLY B 277 8.36 -21.66 2.50
C GLY B 277 7.00 -21.89 1.92
N PHE B 278 6.78 -22.98 1.21
CA PHE B 278 5.44 -23.21 0.62
C PHE B 278 4.60 -24.25 1.31
N PRO B 279 3.28 -24.04 1.41
CA PRO B 279 2.31 -24.95 2.03
C PRO B 279 2.36 -26.38 1.57
N ASN B 280 2.61 -26.74 0.35
CA ASN B 280 2.71 -28.05 -0.22
C ASN B 280 4.20 -28.37 -0.26
N GLY B 281 5.05 -27.54 0.40
CA GLY B 281 6.49 -27.95 0.31
C GLY B 281 7.09 -27.57 -1.04
N GLY B 282 8.38 -27.28 -1.05
CA GLY B 282 9.07 -26.84 -2.26
C GLY B 282 10.32 -26.13 -1.76
N PRO B 283 10.88 -25.25 -2.62
CA PRO B 283 12.12 -24.55 -2.25
C PRO B 283 11.99 -23.66 -1.05
N LYS B 284 13.13 -23.31 -0.49
CA LYS B 284 13.22 -22.42 0.65
C LYS B 284 14.44 -21.50 0.39
N TYR B 285 14.44 -20.31 0.87
CA TYR B 285 15.54 -19.39 0.77
C TYR B 285 16.37 -19.46 2.05
N THR B 286 17.64 -19.83 1.98
CA THR B 286 18.33 -19.79 3.31
C THR B 286 19.45 -18.77 3.32
N GLY B 287 19.42 -17.75 2.52
CA GLY B 287 20.45 -16.72 2.49
C GLY B 287 20.24 -15.68 3.53
N PRO B 288 21.00 -14.61 3.50
CA PRO B 288 20.89 -13.54 4.49
C PRO B 288 19.62 -12.72 4.22
N ARG B 289 19.17 -12.10 5.30
CA ARG B 289 18.07 -11.21 5.43
C ARG B 289 18.80 -9.88 5.63
N HIS B 290 18.99 -9.27 4.48
CA HIS B 290 19.69 -8.00 4.31
C HIS B 290 18.68 -6.90 4.30
N PHE B 291 19.00 -5.87 5.04
CA PHE B 291 18.14 -4.66 5.14
C PHE B 291 18.81 -3.52 4.37
N ASP B 292 18.09 -3.15 3.32
CA ASP B 292 18.48 -2.05 2.41
C ASP B 292 17.45 -0.89 2.60
N TYR B 293 17.72 -0.09 3.58
CA TYR B 293 16.91 1.02 3.98
C TYR B 293 17.74 2.26 4.33
N LYS B 294 16.98 3.33 4.60
CA LYS B 294 17.52 4.60 5.00
C LYS B 294 16.76 5.18 6.24
N PRO B 295 17.60 5.48 7.21
CA PRO B 295 17.10 6.09 8.45
C PRO B 295 16.65 7.53 8.17
N SER B 296 15.44 7.85 8.37
CA SER B 296 14.80 9.11 8.16
C SER B 296 15.64 10.29 8.62
N ARG B 297 15.71 11.29 7.69
CA ARG B 297 16.53 12.49 7.88
C ARG B 297 16.03 13.43 8.96
N THR B 298 14.80 13.25 9.43
CA THR B 298 14.26 14.09 10.51
C THR B 298 14.85 13.76 11.88
N ASP B 299 15.46 12.58 12.02
CA ASP B 299 16.06 11.95 13.14
C ASP B 299 17.58 11.98 13.21
N GLY B 300 18.05 12.05 14.45
CA GLY B 300 19.48 12.05 14.79
C GLY B 300 19.98 10.63 14.90
N TYR B 301 21.19 10.47 15.37
CA TYR B 301 21.84 9.17 15.52
C TYR B 301 21.14 8.17 16.40
N ASP B 302 20.37 8.65 17.36
CA ASP B 302 19.59 7.77 18.26
C ASP B 302 18.53 7.07 17.43
N GLY B 303 18.00 7.76 16.46
CA GLY B 303 17.02 7.21 15.51
C GLY B 303 17.77 6.29 14.54
N VAL B 304 19.05 6.52 14.30
CA VAL B 304 19.75 5.65 13.35
C VAL B 304 19.79 4.28 14.00
N TRP B 305 20.29 4.14 15.20
CA TRP B 305 20.39 2.81 15.88
C TRP B 305 18.99 2.32 16.25
N ASP B 306 18.03 3.14 16.59
CA ASP B 306 16.66 2.69 16.81
C ASP B 306 16.12 1.98 15.57
N SER B 307 16.35 2.60 14.43
CA SER B 307 15.95 2.17 13.10
C SER B 307 16.54 0.85 12.74
N ALA B 308 17.79 0.66 13.07
CA ALA B 308 18.48 -0.64 12.79
C ALA B 308 17.85 -1.72 13.66
N LYS B 309 17.59 -1.45 14.91
CA LYS B 309 16.95 -2.32 15.90
C LYS B 309 15.59 -2.69 15.33
N ALA B 310 14.83 -1.64 14.97
CA ALA B 310 13.48 -1.74 14.41
C ALA B 310 13.38 -2.70 13.26
N ASN B 311 14.28 -2.73 12.32
CA ASN B 311 14.23 -3.67 11.18
C ASN B 311 14.24 -5.11 11.69
N MET B 312 15.13 -5.35 12.64
CA MET B 312 15.32 -6.71 13.23
C MET B 312 14.09 -7.06 14.04
N SER B 313 13.53 -6.17 14.84
CA SER B 313 12.30 -6.41 15.59
C SER B 313 11.09 -6.75 14.71
N MET B 314 10.80 -5.95 13.75
CA MET B 314 9.69 -6.09 12.83
C MET B 314 9.72 -7.47 12.24
N TYR B 315 10.89 -7.86 11.76
CA TYR B 315 11.08 -9.18 11.16
C TYR B 315 10.78 -10.30 12.18
N LEU B 316 11.29 -10.12 13.41
CA LEU B 316 11.11 -11.12 14.47
C LEU B 316 9.63 -11.17 14.93
N LEU B 317 8.92 -10.08 15.04
CA LEU B 317 7.52 -10.09 15.41
C LEU B 317 6.62 -10.79 14.43
N LEU B 318 6.74 -10.37 13.19
CA LEU B 318 5.97 -10.96 12.08
C LEU B 318 6.35 -12.43 11.98
N LYS B 319 7.56 -12.78 12.26
CA LYS B 319 8.03 -14.18 12.25
C LYS B 319 7.24 -15.10 13.26
N GLU B 320 7.07 -14.59 14.52
CA GLU B 320 6.28 -15.34 15.46
C GLU B 320 4.80 -15.45 15.04
N ARG B 321 4.27 -14.33 14.58
CA ARG B 321 2.88 -14.33 14.09
C ARG B 321 2.73 -15.22 12.88
N ALA B 322 3.72 -15.31 12.00
CA ALA B 322 3.61 -16.15 10.82
C ALA B 322 3.70 -17.60 11.23
N LEU B 323 4.44 -17.88 12.32
CA LEU B 323 4.55 -19.32 12.81
C LEU B 323 3.20 -19.64 13.53
N ALA B 324 2.77 -18.82 14.44
CA ALA B 324 1.50 -19.08 15.10
C ALA B 324 0.39 -19.34 14.08
N PHE B 325 0.34 -18.52 13.06
CA PHE B 325 -0.62 -18.57 11.97
C PHE B 325 -0.63 -19.88 11.21
N ARG B 326 0.53 -20.34 10.83
CA ARG B 326 0.52 -21.59 10.06
C ARG B 326 0.25 -22.78 10.95
N ALA B 327 0.67 -22.65 12.20
CA ALA B 327 0.52 -23.72 13.21
C ALA B 327 -0.96 -23.89 13.51
N ASP B 328 -1.71 -22.81 13.47
CA ASP B 328 -3.14 -22.87 13.83
C ASP B 328 -3.99 -23.81 13.01
N PRO B 329 -4.55 -24.79 13.70
CA PRO B 329 -5.41 -25.84 13.15
C PRO B 329 -6.65 -25.27 12.51
N GLU B 330 -7.11 -24.17 12.96
CA GLU B 330 -8.27 -23.49 12.31
C GLU B 330 -7.83 -22.98 10.91
N VAL B 331 -6.60 -22.45 10.83
CA VAL B 331 -6.01 -21.97 9.60
C VAL B 331 -5.78 -23.16 8.68
N GLN B 332 -5.24 -24.21 9.27
CA GLN B 332 -5.00 -25.40 8.43
C GLN B 332 -6.34 -25.86 7.86
N GLU B 333 -7.44 -25.88 8.54
CA GLU B 333 -8.74 -26.31 7.95
C GLU B 333 -9.24 -25.29 6.92
N ALA B 334 -9.25 -23.99 7.21
CA ALA B 334 -9.57 -22.92 6.28
C ALA B 334 -8.75 -23.12 4.97
N MET B 335 -7.42 -23.34 4.98
CA MET B 335 -6.61 -23.52 3.78
C MET B 335 -7.06 -24.73 2.97
N LYS B 336 -7.48 -25.74 3.72
CA LYS B 336 -7.99 -27.01 3.21
C LYS B 336 -9.29 -26.70 2.47
N THR B 337 -10.20 -25.92 3.07
CA THR B 337 -11.44 -25.56 2.33
C THR B 337 -11.21 -24.78 1.04
N SER B 338 -10.32 -23.81 1.07
CA SER B 338 -9.99 -22.89 -0.02
C SER B 338 -9.23 -23.53 -1.16
N GLY B 339 -8.76 -24.76 -0.92
CA GLY B 339 -8.05 -25.53 -1.94
C GLY B 339 -6.56 -25.27 -1.96
N VAL B 340 -5.93 -24.64 -1.01
CA VAL B 340 -4.46 -24.41 -1.04
C VAL B 340 -3.69 -25.65 -1.28
N PHE B 341 -4.11 -26.74 -0.66
CA PHE B 341 -3.39 -28.06 -0.81
C PHE B 341 -3.78 -28.62 -2.14
N GLU B 342 -5.00 -28.64 -2.52
CA GLU B 342 -5.50 -29.15 -3.81
C GLU B 342 -4.72 -28.63 -5.01
N LEU B 343 -4.28 -27.37 -4.99
CA LEU B 343 -3.50 -26.81 -6.10
C LEU B 343 -2.18 -27.55 -6.31
N GLY B 344 -1.70 -28.22 -5.27
CA GLY B 344 -0.47 -28.99 -5.28
C GLY B 344 -0.57 -30.31 -6.01
N GLU B 345 -1.71 -30.76 -6.38
CA GLU B 345 -2.10 -31.94 -7.08
C GLU B 345 -1.98 -31.62 -8.57
N THR B 346 -1.37 -32.56 -9.30
CA THR B 346 -1.21 -32.40 -10.74
C THR B 346 -2.59 -32.40 -11.36
N THR B 347 -2.71 -31.77 -12.51
CA THR B 347 -4.03 -31.64 -13.18
C THR B 347 -4.37 -32.95 -13.87
N LEU B 348 -3.30 -33.49 -14.44
CA LEU B 348 -3.39 -34.71 -15.23
C LEU B 348 -3.10 -35.88 -14.26
N ASN B 349 -3.69 -37.02 -14.58
CA ASN B 349 -3.41 -38.20 -13.74
C ASN B 349 -2.09 -38.73 -14.35
N ALA B 350 -1.42 -39.50 -13.49
CA ALA B 350 -0.16 -40.16 -13.82
C ALA B 350 -0.43 -40.88 -15.17
N GLY B 351 0.49 -40.64 -16.07
CA GLY B 351 0.45 -41.23 -17.39
C GLY B 351 -0.79 -40.79 -18.13
N GLU B 352 -1.44 -39.69 -17.85
CA GLU B 352 -2.60 -39.33 -18.69
C GLU B 352 -2.04 -38.42 -19.77
N SER B 353 -2.54 -38.47 -20.99
CA SER B 353 -2.07 -37.66 -22.09
C SER B 353 -3.09 -36.59 -22.42
N ALA B 354 -2.60 -35.59 -23.10
CA ALA B 354 -3.45 -34.50 -23.56
C ALA B 354 -4.67 -35.14 -24.24
N ALA B 355 -4.38 -36.09 -25.14
CA ALA B 355 -5.52 -36.74 -25.86
C ALA B 355 -6.41 -37.47 -24.86
N ASP B 356 -5.84 -38.16 -23.90
CA ASP B 356 -6.71 -38.82 -22.91
C ASP B 356 -7.72 -37.86 -22.28
N LEU B 357 -7.27 -36.75 -21.74
CA LEU B 357 -8.05 -35.71 -21.12
C LEU B 357 -9.11 -35.09 -22.02
N MET B 358 -8.73 -34.81 -23.27
CA MET B 358 -9.67 -34.16 -24.18
C MET B 358 -10.94 -35.05 -24.36
N ASN B 359 -10.58 -36.27 -24.53
CA ASN B 359 -11.36 -37.47 -24.78
C ASN B 359 -12.01 -38.07 -23.55
N ASP B 360 -11.92 -37.46 -22.40
CA ASP B 360 -12.54 -37.86 -21.14
C ASP B 360 -13.81 -37.03 -20.94
N SER B 361 -14.98 -37.58 -21.22
CA SER B 361 -16.27 -36.91 -21.11
C SER B 361 -16.59 -36.25 -19.80
N ALA B 362 -16.04 -36.70 -18.74
CA ALA B 362 -16.26 -36.17 -17.40
C ALA B 362 -15.41 -34.92 -17.17
N SER B 363 -14.37 -34.69 -17.95
CA SER B 363 -13.53 -33.50 -17.75
C SER B 363 -13.95 -32.38 -18.66
N PHE B 364 -14.73 -32.67 -19.70
CA PHE B 364 -15.16 -31.59 -20.63
C PHE B 364 -16.60 -31.79 -21.10
N ALA B 365 -16.79 -32.74 -22.01
CA ALA B 365 -18.10 -33.00 -22.60
C ALA B 365 -19.22 -33.06 -21.58
N GLY B 366 -19.10 -33.94 -20.61
CA GLY B 366 -20.19 -34.04 -19.62
C GLY B 366 -19.86 -33.40 -18.31
N PHE B 367 -19.15 -32.29 -18.32
CA PHE B 367 -18.74 -31.63 -17.08
C PHE B 367 -19.83 -30.66 -16.62
N ASP B 368 -20.22 -30.68 -15.37
CA ASP B 368 -21.23 -29.73 -14.97
C ASP B 368 -20.51 -28.45 -14.57
N ALA B 369 -20.30 -27.53 -15.45
CA ALA B 369 -19.60 -26.26 -15.12
C ALA B 369 -20.37 -25.39 -14.17
N GLU B 370 -21.69 -25.38 -14.24
CA GLU B 370 -22.55 -24.56 -13.36
C GLU B 370 -22.45 -25.12 -11.96
N ALA B 371 -22.40 -26.44 -11.83
CA ALA B 371 -22.29 -27.01 -10.48
C ALA B 371 -20.96 -26.58 -9.83
N ALA B 372 -19.89 -26.83 -10.57
CA ALA B 372 -18.51 -26.50 -10.16
C ALA B 372 -18.47 -25.00 -9.78
N ALA B 373 -19.15 -24.12 -10.49
CA ALA B 373 -19.13 -22.68 -10.11
C ALA B 373 -19.66 -22.32 -8.75
N GLU B 374 -20.33 -23.25 -8.09
CA GLU B 374 -20.96 -22.92 -6.77
C GLU B 374 -20.00 -22.97 -5.62
N ARG B 375 -18.84 -23.60 -5.83
CA ARG B 375 -17.86 -23.70 -4.75
C ARG B 375 -17.57 -22.40 -4.04
N ASN B 376 -17.68 -22.39 -2.75
CA ASN B 376 -17.32 -21.29 -1.90
C ASN B 376 -15.80 -21.46 -1.63
N PHE B 377 -14.95 -20.69 -2.33
CA PHE B 377 -13.48 -20.83 -2.09
C PHE B 377 -13.08 -20.26 -0.72
N ALA B 378 -13.97 -19.48 -0.16
CA ALA B 378 -13.77 -18.95 1.21
C ALA B 378 -12.42 -18.32 1.40
N PHE B 379 -12.04 -17.47 0.44
CA PHE B 379 -10.75 -16.76 0.41
C PHE B 379 -10.83 -15.62 1.39
N ILE B 380 -12.00 -15.04 1.54
CA ILE B 380 -12.14 -13.87 2.44
C ILE B 380 -11.87 -14.38 3.85
N ARG B 381 -12.62 -15.35 4.32
CA ARG B 381 -12.40 -15.86 5.68
C ARG B 381 -10.90 -16.23 5.85
N LEU B 382 -10.28 -16.91 4.93
CA LEU B 382 -8.91 -17.30 4.99
C LEU B 382 -8.09 -16.01 5.20
N ASN B 383 -8.49 -14.92 4.54
CA ASN B 383 -7.72 -13.66 4.71
C ASN B 383 -7.93 -13.14 6.10
N GLN B 384 -9.11 -13.07 6.60
CA GLN B 384 -9.49 -12.58 7.93
C GLN B 384 -8.71 -13.35 9.00
N LEU B 385 -8.46 -14.62 8.85
CA LEU B 385 -7.69 -15.41 9.82
C LEU B 385 -6.23 -14.94 9.75
N ALA B 386 -5.72 -14.69 8.52
CA ALA B 386 -4.28 -14.26 8.51
C ALA B 386 -4.16 -12.92 9.23
N ILE B 387 -5.12 -12.02 8.95
CA ILE B 387 -5.05 -10.67 9.62
C ILE B 387 -5.20 -10.80 11.11
N GLU B 388 -6.17 -11.45 11.68
CA GLU B 388 -6.27 -11.65 13.14
C GLU B 388 -4.98 -12.19 13.70
N HIS B 389 -4.30 -13.11 13.01
CA HIS B 389 -3.03 -13.63 13.51
C HIS B 389 -1.99 -12.53 13.52
N LEU B 390 -1.99 -11.72 12.48
CA LEU B 390 -1.05 -10.59 12.37
C LEU B 390 -1.29 -9.57 13.47
N LEU B 391 -2.55 -9.28 13.82
CA LEU B 391 -2.87 -8.33 14.89
C LEU B 391 -2.64 -8.89 16.30
N GLY B 392 -2.11 -10.08 16.33
CA GLY B 392 -1.78 -10.80 17.55
C GLY B 392 -3.06 -11.04 18.35
N SER B 393 -4.15 -11.27 17.74
CA SER B 393 -5.50 -11.47 18.14
C SER B 393 -5.86 -12.94 18.37
N ARG B 394 -5.25 -13.87 17.67
CA ARG B 394 -5.54 -15.29 17.80
C ARG B 394 -4.53 -15.95 18.73
#